data_3BE6
#
_entry.id   3BE6
#
_cell.length_a   50.815
_cell.length_b   109.120
_cell.length_c   221.992
_cell.angle_alpha   90.00
_cell.angle_beta   90.00
_cell.angle_gamma   90.00
#
_symmetry.space_group_name_H-M   'P 21 21 21'
#
loop_
_entity.id
_entity.type
_entity.pdbx_description
1 polymer 'Putative iron compound-binding protein of ABC transporter family'
2 non-polymer 'CHLORIDE ION'
3 non-polymer 'MAGNESIUM ION'
4 non-polymer GLYCEROL
5 water water
#
_entity_poly.entity_id   1
_entity_poly.type   'polypeptide(L)'
_entity_poly.pdbx_seq_one_letter_code
;EPVQVFTDDLGRKVTVPAHPKRIVSLHDLDITIPLIELGVPPVASHGRTRPDGSHFIRSGALLTGVDFDNSSIAFIGTAD
IDIEAIVAAKPDLIITEPTRNTPIERLEKIAPTVSIDHLKGGAPEIYRKLAELTGTQSQLAILERRYQAQINALKATLDS
QKITVSVIQANQGKINV(MSE)HSYHSLGRVLRDAGFRFPPLIESIPEGGR(MSE)DVSAERLPELDADFVFATWRGDTG
GKPQDELAT(MSE)EKV(MSE)PGWCQFLTACRSGRYVLISREEAISNSFASLGL(MSE)AAQIQSQIAGRPLPEAK
;
_entity_poly.pdbx_strand_id   A,B,C,D
#
loop_
_chem_comp.id
_chem_comp.type
_chem_comp.name
_chem_comp.formula
CL non-polymer 'CHLORIDE ION' 'Cl -1'
GOL non-polymer GLYCEROL 'C3 H8 O3'
MG non-polymer 'MAGNESIUM ION' 'Mg 2'
#
# COMPACT_ATOMS: atom_id res chain seq x y z
N GLU A 1 -39.28 14.23 -36.69
CA GLU A 1 -39.09 13.63 -35.34
C GLU A 1 -39.67 12.21 -35.27
N PRO A 2 -38.82 11.22 -34.93
CA PRO A 2 -39.30 9.84 -34.78
C PRO A 2 -40.35 9.72 -33.67
N VAL A 3 -41.32 8.83 -33.91
CA VAL A 3 -42.53 8.76 -33.11
C VAL A 3 -42.89 7.29 -32.80
N GLN A 4 -43.61 7.07 -31.70
CA GLN A 4 -44.04 5.72 -31.33
C GLN A 4 -45.48 5.79 -30.80
N VAL A 5 -46.19 4.66 -30.86
CA VAL A 5 -47.49 4.56 -30.23
C VAL A 5 -47.34 3.86 -28.88
N PHE A 6 -47.83 4.51 -27.85
CA PHE A 6 -47.77 3.98 -26.50
C PHE A 6 -49.20 3.79 -25.98
N THR A 7 -49.48 2.60 -25.45
CA THR A 7 -50.78 2.32 -24.84
C THR A 7 -50.71 2.57 -23.35
N ASP A 8 -51.41 3.59 -22.88
CA ASP A 8 -51.36 3.94 -21.46
C ASP A 8 -52.32 3.09 -20.62
N ASP A 9 -52.36 3.37 -19.31
CA ASP A 9 -53.16 2.56 -18.40
C ASP A 9 -54.66 2.91 -18.41
N LEU A 10 -55.04 3.82 -19.29
CA LEU A 10 -56.45 4.08 -19.57
C LEU A 10 -56.86 3.44 -20.89
N GLY A 11 -55.94 2.67 -21.48
CA GLY A 11 -56.15 2.03 -22.78
C GLY A 11 -56.07 2.97 -23.97
N ARG A 12 -55.60 4.19 -23.73
CA ARG A 12 -55.48 5.19 -24.80
C ARG A 12 -54.25 4.91 -25.68
N LYS A 13 -54.41 5.03 -26.99
CA LYS A 13 -53.29 4.82 -27.93
C LYS A 13 -52.70 6.17 -28.30
N VAL A 14 -51.55 6.48 -27.71
CA VAL A 14 -51.02 7.84 -27.77
C VAL A 14 -49.72 7.85 -28.58
N THR A 15 -49.71 8.71 -29.60
CA THR A 15 -48.52 8.89 -30.41
C THR A 15 -47.59 9.88 -29.68
N VAL A 16 -46.41 9.39 -29.35
CA VAL A 16 -45.46 10.13 -28.51
C VAL A 16 -44.09 10.14 -29.18
N PRO A 17 -43.22 11.10 -28.79
CA PRO A 17 -41.85 11.08 -29.32
C PRO A 17 -41.14 9.76 -29.00
N ALA A 18 -40.29 9.30 -29.91
CA ALA A 18 -39.39 8.19 -29.61
C ALA A 18 -38.42 8.63 -28.51
N HIS A 19 -38.05 9.91 -28.53
CA HIS A 19 -37.13 10.46 -27.54
C HIS A 19 -37.58 11.86 -27.13
N PRO A 20 -38.48 11.94 -26.12
CA PRO A 20 -39.04 13.20 -25.67
C PRO A 20 -37.98 14.07 -25.02
N LYS A 21 -38.01 15.37 -25.32
CA LYS A 21 -37.01 16.30 -24.81
C LYS A 21 -37.55 17.22 -23.72
N ARG A 22 -38.88 17.34 -23.63
CA ARG A 22 -39.52 18.26 -22.68
C ARG A 22 -40.72 17.61 -22.01
N ILE A 23 -40.48 16.86 -20.93
CA ILE A 23 -41.53 16.12 -20.26
C ILE A 23 -42.11 16.93 -19.10
N VAL A 24 -43.43 16.96 -18.99
CA VAL A 24 -44.09 17.51 -17.79
C VAL A 24 -44.65 16.36 -16.97
N SER A 25 -44.30 16.33 -15.68
CA SER A 25 -44.75 15.25 -14.79
C SER A 25 -45.77 15.75 -13.78
N LEU A 26 -46.86 15.00 -13.64
CA LEU A 26 -47.92 15.39 -12.69
C LEU A 26 -47.84 14.73 -11.31
N HIS A 27 -46.74 14.05 -11.01
CA HIS A 27 -46.51 13.54 -9.64
C HIS A 27 -45.04 13.40 -9.30
N ASP A 28 -44.62 14.05 -8.22
CA ASP A 28 -43.22 14.05 -7.80
C ASP A 28 -42.68 12.66 -7.51
N LEU A 29 -43.34 11.94 -6.60
CA LEU A 29 -42.87 10.62 -6.18
C LEU A 29 -43.03 9.51 -7.22
N ASP A 30 -44.18 9.50 -7.88
CA ASP A 30 -44.58 8.38 -8.73
C ASP A 30 -43.92 8.46 -10.11
N ILE A 31 -43.64 9.69 -10.56
CA ILE A 31 -43.18 9.92 -11.93
C ILE A 31 -41.85 10.69 -12.00
N THR A 32 -41.76 11.82 -11.29
CA THR A 32 -40.57 12.65 -11.40
C THR A 32 -39.28 11.97 -10.95
N ILE A 33 -39.33 11.29 -9.79
CA ILE A 33 -38.14 10.59 -9.30
C ILE A 33 -37.66 9.51 -10.30
N PRO A 34 -38.55 8.58 -10.71
CA PRO A 34 -38.15 7.65 -11.77
C PRO A 34 -37.56 8.30 -13.03
N LEU A 35 -38.18 9.38 -13.49
CA LEU A 35 -37.67 10.12 -14.66
C LEU A 35 -36.24 10.62 -14.46
N ILE A 36 -36.00 11.21 -13.30
CA ILE A 36 -34.66 11.66 -12.93
C ILE A 36 -33.65 10.50 -12.93
N GLU A 37 -34.03 9.38 -12.32
CA GLU A 37 -33.18 8.18 -12.28
C GLU A 37 -32.87 7.63 -13.67
N LEU A 38 -33.85 7.72 -14.58
CA LEU A 38 -33.71 7.27 -15.97
C LEU A 38 -32.90 8.23 -16.86
N GLY A 39 -32.54 9.38 -16.30
CA GLY A 39 -31.73 10.36 -17.02
C GLY A 39 -32.54 11.30 -17.90
N VAL A 40 -33.85 11.31 -17.68
CA VAL A 40 -34.76 12.19 -18.44
C VAL A 40 -35.63 13.06 -17.49
N PRO A 41 -34.98 13.95 -16.70
CA PRO A 41 -35.72 14.78 -15.76
C PRO A 41 -36.76 15.63 -16.50
N PRO A 42 -37.93 15.84 -15.86
CA PRO A 42 -38.96 16.67 -16.48
C PRO A 42 -38.57 18.14 -16.47
N VAL A 43 -39.13 18.91 -17.40
CA VAL A 43 -38.94 20.37 -17.41
C VAL A 43 -39.88 21.08 -16.43
N ALA A 44 -40.91 20.35 -16.00
CA ALA A 44 -41.87 20.86 -15.02
C ALA A 44 -42.46 19.69 -14.24
N SER A 45 -42.77 19.93 -12.96
CA SER A 45 -43.23 18.87 -12.07
C SER A 45 -44.18 19.36 -11.00
N HIS A 46 -45.11 18.47 -10.64
CA HIS A 46 -45.87 18.56 -9.41
C HIS A 46 -44.89 18.50 -8.24
N GLY A 47 -45.28 19.08 -7.11
CA GLY A 47 -44.49 18.98 -5.88
C GLY A 47 -45.34 19.34 -4.69
N ARG A 48 -44.70 19.47 -3.53
CA ARG A 48 -45.37 19.80 -2.28
C ARG A 48 -45.18 21.27 -1.95
N THR A 49 -46.05 21.79 -1.08
CA THR A 49 -46.04 23.20 -0.69
C THR A 49 -46.09 23.28 0.83
N ARG A 50 -45.18 24.06 1.41
CA ARG A 50 -45.20 24.33 2.86
C ARG A 50 -46.05 25.57 3.16
N PRO A 51 -46.52 25.71 4.41
CA PRO A 51 -47.35 26.86 4.80
C PRO A 51 -46.75 28.24 4.51
N ASP A 52 -45.41 28.33 4.44
CA ASP A 52 -44.75 29.58 4.09
C ASP A 52 -44.68 29.84 2.59
N GLY A 53 -45.22 28.92 1.79
CA GLY A 53 -45.29 29.09 0.33
C GLY A 53 -44.12 28.51 -0.44
N SER A 54 -43.14 27.93 0.26
CA SER A 54 -42.01 27.27 -0.39
C SER A 54 -42.44 25.92 -0.97
N HIS A 55 -41.76 25.50 -2.04
CA HIS A 55 -42.13 24.29 -2.78
C HIS A 55 -40.96 23.33 -2.89
N PHE A 56 -41.28 22.04 -2.94
CA PHE A 56 -40.25 21.01 -3.06
C PHE A 56 -40.78 19.74 -3.71
N ILE A 57 -39.87 19.04 -4.37
CA ILE A 57 -40.14 17.73 -4.94
C ILE A 57 -39.99 16.73 -3.79
N ARG A 58 -41.04 16.02 -3.40
CA ARG A 58 -40.93 15.09 -2.27
CA ARG A 58 -40.93 15.10 -2.27
C ARG A 58 -39.85 14.05 -2.53
N SER A 59 -38.91 13.95 -1.59
CA SER A 59 -37.75 13.02 -1.66
CA SER A 59 -37.74 13.04 -1.64
C SER A 59 -36.76 13.34 -2.78
N GLY A 60 -36.99 14.44 -3.49
CA GLY A 60 -36.15 14.84 -4.61
C GLY A 60 -34.69 15.03 -4.23
N ALA A 61 -34.43 15.95 -3.32
CA ALA A 61 -33.05 16.20 -2.88
C ALA A 61 -32.45 14.98 -2.20
N LEU A 62 -33.22 14.35 -1.31
CA LEU A 62 -32.74 13.19 -0.55
C LEU A 62 -32.31 12.01 -1.42
N LEU A 63 -33.10 11.70 -2.46
CA LEU A 63 -32.86 10.49 -3.25
C LEU A 63 -32.14 10.72 -4.58
N THR A 64 -32.17 11.96 -5.09
CA THR A 64 -31.61 12.26 -6.40
C THR A 64 -30.73 13.52 -6.43
N GLY A 65 -30.86 14.37 -5.41
CA GLY A 65 -30.13 15.64 -5.37
C GLY A 65 -30.78 16.74 -6.20
N VAL A 66 -31.95 16.45 -6.75
CA VAL A 66 -32.67 17.39 -7.62
C VAL A 66 -33.90 17.95 -6.91
N ASP A 67 -34.01 19.27 -6.88
CA ASP A 67 -35.19 19.94 -6.33
C ASP A 67 -35.48 21.19 -7.16
N PHE A 68 -36.58 21.88 -6.85
CA PHE A 68 -36.94 23.10 -7.58
C PHE A 68 -35.90 24.20 -7.40
N ASP A 69 -35.30 24.28 -6.22
CA ASP A 69 -34.41 25.40 -5.90
C ASP A 69 -32.99 25.30 -6.47
N ASN A 70 -32.62 24.14 -7.01
CA ASN A 70 -31.29 23.95 -7.60
C ASN A 70 -31.30 23.46 -9.05
N SER A 71 -32.46 23.58 -9.70
CA SER A 71 -32.65 23.09 -11.06
C SER A 71 -33.57 24.03 -11.86
N SER A 72 -33.70 23.75 -13.15
CA SER A 72 -34.61 24.50 -14.01
C SER A 72 -36.00 23.86 -14.11
N ILE A 73 -36.27 22.85 -13.26
CA ILE A 73 -37.59 22.22 -13.22
C ILE A 73 -38.61 23.20 -12.62
N ALA A 74 -39.64 23.53 -13.40
CA ALA A 74 -40.68 24.45 -12.95
C ALA A 74 -41.70 23.74 -12.05
N PHE A 75 -42.12 24.42 -10.99
CA PHE A 75 -43.19 23.91 -10.14
C PHE A 75 -44.57 24.22 -10.75
N ILE A 76 -45.42 23.20 -10.87
CA ILE A 76 -46.72 23.38 -11.54
C ILE A 76 -47.94 23.29 -10.61
N GLY A 77 -47.71 23.05 -9.32
CA GLY A 77 -48.81 22.94 -8.37
C GLY A 77 -48.72 21.69 -7.52
N THR A 78 -49.51 21.69 -6.44
CA THR A 78 -49.58 20.57 -5.50
C THR A 78 -50.96 19.94 -5.58
N ALA A 79 -51.98 20.76 -5.32
CA ALA A 79 -53.37 20.32 -5.44
C ALA A 79 -53.85 20.60 -6.86
N ASP A 80 -54.32 21.82 -7.11
CA ASP A 80 -54.71 22.22 -8.46
C ASP A 80 -53.47 22.55 -9.29
N ILE A 81 -53.39 21.93 -10.46
CA ILE A 81 -52.25 22.13 -11.36
C ILE A 81 -52.44 23.43 -12.14
N ASP A 82 -51.35 24.19 -12.24
CA ASP A 82 -51.33 25.45 -12.99
C ASP A 82 -51.22 25.12 -14.47
N ILE A 83 -52.35 25.16 -15.16
CA ILE A 83 -52.41 24.85 -16.59
C ILE A 83 -51.51 25.78 -17.40
N GLU A 84 -51.51 27.06 -17.06
CA GLU A 84 -50.66 28.04 -17.72
C GLU A 84 -49.18 27.66 -17.63
N ALA A 85 -48.77 27.15 -16.46
CA ALA A 85 -47.40 26.71 -16.24
C ALA A 85 -47.03 25.49 -17.09
N ILE A 86 -47.98 24.57 -17.28
CA ILE A 86 -47.75 23.42 -18.17
C ILE A 86 -47.56 23.91 -19.60
N VAL A 87 -48.49 24.74 -20.08
CA VAL A 87 -48.39 25.32 -21.42
C VAL A 87 -47.05 26.06 -21.61
N ALA A 88 -46.68 26.88 -20.62
CA ALA A 88 -45.43 27.66 -20.66
C ALA A 88 -44.18 26.79 -20.78
N ALA A 89 -44.26 25.57 -20.27
CA ALA A 89 -43.12 24.63 -20.27
C ALA A 89 -42.91 23.99 -21.65
N LYS A 90 -43.88 24.21 -22.54
CA LYS A 90 -43.84 23.68 -23.91
C LYS A 90 -43.46 22.19 -23.96
N PRO A 91 -44.29 21.34 -23.33
CA PRO A 91 -43.96 19.92 -23.33
C PRO A 91 -44.15 19.25 -24.69
N ASP A 92 -43.38 18.19 -24.91
CA ASP A 92 -43.65 17.27 -26.00
C ASP A 92 -44.26 15.96 -25.47
N LEU A 93 -44.34 15.86 -24.15
CA LEU A 93 -44.99 14.72 -23.48
C LEU A 93 -45.43 15.12 -22.07
N ILE A 94 -46.66 14.76 -21.74
CA ILE A 94 -47.18 14.95 -20.39
C ILE A 94 -47.50 13.58 -19.79
N ILE A 95 -46.99 13.33 -18.59
CA ILE A 95 -47.23 12.06 -17.89
C ILE A 95 -48.03 12.31 -16.62
N THR A 96 -49.14 11.61 -16.50
CA THR A 96 -49.99 11.73 -15.33
C THR A 96 -50.34 10.35 -14.77
N GLU A 97 -51.18 10.31 -13.75
CA GLU A 97 -51.59 9.04 -13.15
C GLU A 97 -53.02 9.17 -12.61
N PRO A 98 -53.71 8.02 -12.42
CA PRO A 98 -55.14 8.02 -12.08
C PRO A 98 -55.57 8.81 -10.83
N THR A 99 -54.68 9.01 -9.87
CA THR A 99 -55.08 9.74 -8.66
C THR A 99 -55.07 11.26 -8.82
N ARG A 100 -54.49 11.74 -9.93
CA ARG A 100 -54.48 13.18 -10.24
C ARG A 100 -55.85 13.65 -10.70
N ASN A 101 -56.13 14.94 -10.51
CA ASN A 101 -57.48 15.45 -10.79
C ASN A 101 -57.61 16.41 -12.00
N THR A 102 -56.50 16.68 -12.68
CA THR A 102 -56.50 17.41 -13.95
C THR A 102 -57.10 16.52 -15.05
N PRO A 103 -58.14 17.02 -15.74
CA PRO A 103 -58.80 16.21 -16.80
C PRO A 103 -57.86 15.81 -17.93
N ILE A 104 -57.91 14.53 -18.31
CA ILE A 104 -57.14 14.03 -19.44
C ILE A 104 -57.49 14.82 -20.70
N GLU A 105 -58.77 15.12 -20.89
CA GLU A 105 -59.22 15.86 -22.08
C GLU A 105 -58.58 17.24 -22.21
N ARG A 106 -58.29 17.87 -21.06
CA ARG A 106 -57.58 19.15 -21.07
C ARG A 106 -56.10 18.96 -21.39
N LEU A 107 -55.45 18.01 -20.71
CA LEU A 107 -54.03 17.75 -20.93
C LEU A 107 -53.70 17.37 -22.38
N GLU A 108 -54.54 16.54 -23.00
CA GLU A 108 -54.28 16.09 -24.36
C GLU A 108 -54.37 17.22 -25.40
N LYS A 109 -55.04 18.32 -25.04
CA LYS A 109 -55.07 19.51 -25.90
C LYS A 109 -53.71 20.19 -25.96
N ILE A 110 -52.93 20.04 -24.89
CA ILE A 110 -51.62 20.69 -24.76
C ILE A 110 -50.50 19.91 -25.49
N ALA A 111 -50.45 18.60 -25.25
CA ALA A 111 -49.39 17.72 -25.74
C ALA A 111 -49.83 16.27 -25.63
N PRO A 112 -49.13 15.34 -26.32
CA PRO A 112 -49.40 13.92 -26.08
C PRO A 112 -49.33 13.64 -24.58
N THR A 113 -50.38 13.03 -24.04
CA THR A 113 -50.54 12.82 -22.62
C THR A 113 -50.77 11.34 -22.37
N VAL A 114 -50.08 10.80 -21.38
CA VAL A 114 -50.23 9.41 -21.00
C VAL A 114 -50.50 9.29 -19.49
N SER A 115 -51.36 8.34 -19.13
CA SER A 115 -51.61 8.04 -17.73
C SER A 115 -51.04 6.68 -17.37
N ILE A 116 -50.21 6.65 -16.32
CA ILE A 116 -49.56 5.42 -15.85
C ILE A 116 -50.01 5.08 -14.42
N ASP A 117 -50.31 3.81 -14.19
CA ASP A 117 -50.88 3.33 -12.91
C ASP A 117 -49.99 2.27 -12.24
N HIS A 118 -49.46 2.62 -11.06
CA HIS A 118 -48.57 1.70 -10.33
C HIS A 118 -49.27 0.47 -9.77
N LEU A 119 -50.61 0.47 -9.78
CA LEU A 119 -51.39 -0.69 -9.37
C LEU A 119 -51.25 -1.86 -10.35
N LYS A 120 -50.82 -1.55 -11.57
CA LYS A 120 -50.50 -2.58 -12.57
C LYS A 120 -49.01 -2.92 -12.54
N GLY A 121 -48.64 -3.88 -11.70
CA GLY A 121 -47.27 -4.43 -11.70
C GLY A 121 -46.25 -3.75 -10.80
N GLY A 122 -46.68 -2.72 -10.08
CA GLY A 122 -45.82 -2.01 -9.13
C GLY A 122 -44.69 -1.22 -9.76
N ALA A 123 -43.65 -0.97 -8.96
CA ALA A 123 -42.48 -0.19 -9.39
C ALA A 123 -41.76 -0.75 -10.62
N PRO A 124 -41.50 -2.09 -10.66
CA PRO A 124 -40.82 -2.62 -11.85
C PRO A 124 -41.51 -2.28 -13.16
N GLU A 125 -42.84 -2.37 -13.16
CA GLU A 125 -43.63 -2.04 -14.35
C GLU A 125 -43.60 -0.55 -14.68
N ILE A 126 -43.71 0.30 -13.64
CA ILE A 126 -43.62 1.75 -13.82
C ILE A 126 -42.32 2.12 -14.55
N TYR A 127 -41.19 1.61 -14.07
CA TYR A 127 -39.91 1.88 -14.70
C TYR A 127 -39.82 1.32 -16.11
N ARG A 128 -40.31 0.10 -16.30
CA ARG A 128 -40.37 -0.50 -17.64
C ARG A 128 -41.18 0.39 -18.59
N LYS A 129 -42.36 0.83 -18.14
CA LYS A 129 -43.24 1.70 -18.92
C LYS A 129 -42.61 3.05 -19.21
N LEU A 130 -42.02 3.67 -18.19
CA LEU A 130 -41.33 4.95 -18.39
C LEU A 130 -40.13 4.84 -19.33
N ALA A 131 -39.38 3.74 -19.23
CA ALA A 131 -38.23 3.54 -20.13
C ALA A 131 -38.64 3.39 -21.60
N GLU A 132 -39.71 2.65 -21.84
CA GLU A 132 -40.32 2.49 -23.17
C GLU A 132 -40.82 3.84 -23.67
N LEU A 133 -41.59 4.51 -22.83
CA LEU A 133 -42.14 5.82 -23.14
C LEU A 133 -41.08 6.87 -23.49
N THR A 134 -39.93 6.82 -22.79
CA THR A 134 -38.90 7.86 -22.94
C THR A 134 -37.65 7.44 -23.70
N GLY A 135 -37.60 6.19 -24.17
CA GLY A 135 -36.43 5.69 -24.91
C GLY A 135 -35.18 5.51 -24.06
N THR A 136 -35.38 5.20 -22.79
CA THR A 136 -34.28 5.08 -21.83
C THR A 136 -34.07 3.65 -21.33
N GLN A 137 -34.35 2.69 -22.20
CA GLN A 137 -34.12 1.27 -21.91
C GLN A 137 -32.67 0.96 -21.54
N SER A 138 -31.71 1.64 -22.18
CA SER A 138 -30.30 1.40 -21.84
C SER A 138 -29.97 1.84 -20.40
N GLN A 139 -30.51 2.97 -19.96
CA GLN A 139 -30.30 3.43 -18.59
CA GLN A 139 -30.31 3.43 -18.59
C GLN A 139 -31.01 2.51 -17.59
N LEU A 140 -32.22 2.06 -17.92
CA LEU A 140 -32.92 1.12 -17.05
C LEU A 140 -32.10 -0.17 -16.87
N ALA A 141 -31.47 -0.64 -17.94
CA ALA A 141 -30.65 -1.85 -17.88
C ALA A 141 -29.50 -1.69 -16.88
N ILE A 142 -28.89 -0.50 -16.87
CA ILE A 142 -27.81 -0.19 -15.92
CA ILE A 142 -27.81 -0.19 -15.92
C ILE A 142 -28.33 -0.18 -14.48
N LEU A 143 -29.46 0.49 -14.27
CA LEU A 143 -30.10 0.51 -12.95
C LEU A 143 -30.40 -0.91 -12.47
N GLU A 144 -30.99 -1.71 -13.34
CA GLU A 144 -31.30 -3.11 -13.02
C GLU A 144 -30.06 -3.96 -12.73
N ARG A 145 -28.97 -3.72 -13.47
CA ARG A 145 -27.71 -4.45 -13.23
CA ARG A 145 -27.71 -4.44 -13.24
C ARG A 145 -27.16 -4.13 -11.85
N ARG A 146 -27.20 -2.86 -11.45
CA ARG A 146 -26.73 -2.48 -10.12
CA ARG A 146 -26.74 -2.47 -10.13
C ARG A 146 -27.58 -3.14 -9.04
N TYR A 147 -28.90 -3.17 -9.25
CA TYR A 147 -29.79 -3.82 -8.28
C TYR A 147 -29.47 -5.31 -8.17
N GLN A 148 -29.20 -5.95 -9.32
CA GLN A 148 -28.78 -7.36 -9.36
C GLN A 148 -27.52 -7.55 -8.52
N ALA A 149 -26.55 -6.65 -8.73
CA ALA A 149 -25.29 -6.67 -7.97
C ALA A 149 -25.50 -6.51 -6.46
N GLN A 150 -26.41 -5.62 -6.07
CA GLN A 150 -26.75 -5.41 -4.65
C GLN A 150 -27.38 -6.65 -4.02
N ILE A 151 -28.37 -7.24 -4.70
CA ILE A 151 -29.00 -8.48 -4.23
C ILE A 151 -27.98 -9.61 -4.12
N ASN A 152 -27.17 -9.78 -5.16
CA ASN A 152 -26.14 -10.82 -5.15
C ASN A 152 -25.13 -10.67 -4.00
N ALA A 153 -24.76 -9.43 -3.70
CA ALA A 153 -23.84 -9.12 -2.59
C ALA A 153 -24.47 -9.48 -1.26
N LEU A 154 -25.76 -9.17 -1.11
CA LEU A 154 -26.50 -9.52 0.09
C LEU A 154 -26.62 -11.03 0.24
N LYS A 155 -26.99 -11.72 -0.84
CA LYS A 155 -27.09 -13.18 -0.82
C LYS A 155 -25.77 -13.88 -0.47
N ALA A 156 -24.66 -13.28 -0.88
CA ALA A 156 -23.32 -13.84 -0.62
C ALA A 156 -22.86 -13.61 0.83
N THR A 157 -23.49 -12.66 1.51
CA THR A 157 -23.14 -12.30 2.89
C THR A 157 -23.62 -13.35 3.90
N LEU A 158 -24.80 -13.92 3.63
CA LEU A 158 -25.52 -14.75 4.59
C LEU A 158 -26.37 -15.80 3.88
N ASP A 159 -26.75 -16.83 4.63
CA ASP A 159 -27.66 -17.85 4.12
C ASP A 159 -29.09 -17.34 4.31
N SER A 160 -29.50 -16.41 3.44
CA SER A 160 -30.79 -15.71 3.55
C SER A 160 -31.99 -16.65 3.53
N GLN A 161 -31.92 -17.70 2.72
CA GLN A 161 -33.02 -18.66 2.58
C GLN A 161 -33.35 -19.37 3.89
N LYS A 162 -32.44 -19.28 4.86
CA LYS A 162 -32.64 -19.88 6.18
C LYS A 162 -32.89 -18.86 7.29
N ILE A 163 -33.00 -17.57 6.93
CA ILE A 163 -33.26 -16.51 7.90
C ILE A 163 -34.67 -15.95 7.67
N THR A 164 -35.48 -15.90 8.72
CA THR A 164 -36.83 -15.35 8.60
C THR A 164 -36.85 -13.88 8.95
N VAL A 165 -37.71 -13.13 8.25
CA VAL A 165 -37.84 -11.70 8.50
C VAL A 165 -39.31 -11.32 8.48
N SER A 166 -39.63 -10.16 9.05
CA SER A 166 -40.96 -9.60 8.94
C SER A 166 -40.86 -8.07 8.97
N VAL A 167 -41.85 -7.41 8.37
CA VAL A 167 -41.91 -5.97 8.41
C VAL A 167 -43.28 -5.60 8.96
N ILE A 168 -43.29 -4.84 10.06
CA ILE A 168 -44.53 -4.47 10.75
C ILE A 168 -44.66 -2.96 10.91
N GLN A 169 -45.89 -2.51 11.17
CA GLN A 169 -46.14 -1.08 11.39
C GLN A 169 -47.28 -0.90 12.38
N ALA A 170 -47.07 -0.07 13.39
CA ALA A 170 -48.17 0.32 14.28
C ALA A 170 -49.20 1.10 13.47
N ASN A 171 -50.47 0.79 13.70
CA ASN A 171 -51.58 1.43 13.01
C ASN A 171 -52.76 1.54 13.96
N GLN A 172 -52.82 2.65 14.72
CA GLN A 172 -53.98 2.95 15.57
C GLN A 172 -54.41 1.77 16.44
N GLY A 173 -53.50 1.29 17.30
CA GLY A 173 -53.81 0.20 18.23
C GLY A 173 -53.74 -1.21 17.66
N LYS A 174 -53.39 -1.33 16.38
CA LYS A 174 -53.20 -2.65 15.77
C LYS A 174 -51.91 -2.67 14.96
N ILE A 175 -51.58 -3.83 14.42
CA ILE A 175 -50.37 -3.98 13.62
C ILE A 175 -50.77 -4.15 12.16
N ASN A 176 -50.30 -3.24 11.30
CA ASN A 176 -50.51 -3.40 9.87
C ASN A 176 -49.31 -4.09 9.22
N VAL A 177 -49.59 -5.09 8.40
CA VAL A 177 -48.55 -5.79 7.64
C VAL A 177 -48.91 -5.85 6.16
N MSE A 178 -47.92 -5.65 5.30
CA MSE A 178 -48.12 -5.82 3.87
C MSE A 178 -47.47 -7.13 3.42
O MSE A 178 -46.50 -7.60 4.03
CB MSE A 178 -47.51 -4.64 3.10
CG MSE A 178 -48.02 -3.28 3.55
SE MSE A 178 -47.20 -1.82 2.55
CE MSE A 178 -48.02 -2.14 0.82
N HIS A 179 -47.99 -7.73 2.34
CA HIS A 179 -47.31 -8.86 1.72
C HIS A 179 -45.86 -8.45 1.40
N SER A 180 -45.70 -7.25 0.86
CA SER A 180 -44.37 -6.71 0.56
C SER A 180 -44.34 -5.20 0.85
N TYR A 181 -43.61 -4.81 1.89
CA TYR A 181 -43.54 -3.39 2.29
C TYR A 181 -42.63 -2.58 1.36
N HIS A 182 -43.18 -2.14 0.24
CA HIS A 182 -42.49 -1.23 -0.67
C HIS A 182 -41.04 -1.64 -0.95
N SER A 183 -40.09 -0.72 -0.81
CA SER A 183 -38.68 -0.98 -1.12
C SER A 183 -38.06 -2.02 -0.19
N LEU A 184 -38.39 -1.90 1.10
CA LEU A 184 -37.84 -2.78 2.13
C LEU A 184 -38.27 -4.24 1.88
N GLY A 185 -39.56 -4.45 1.68
CA GLY A 185 -40.11 -5.77 1.40
C GLY A 185 -39.59 -6.38 0.12
N ARG A 186 -39.46 -5.54 -0.92
CA ARG A 186 -38.96 -5.98 -2.22
C ARG A 186 -37.54 -6.55 -2.12
N VAL A 187 -36.65 -5.83 -1.45
CA VAL A 187 -35.27 -6.28 -1.27
C VAL A 187 -35.22 -7.57 -0.43
N LEU A 188 -35.95 -7.62 0.68
CA LEU A 188 -35.97 -8.83 1.52
C LEU A 188 -36.43 -10.05 0.72
N ARG A 189 -37.50 -9.90 -0.06
CA ARG A 189 -38.01 -11.01 -0.87
C ARG A 189 -37.04 -11.40 -2.00
N ASP A 190 -36.48 -10.41 -2.67
CA ASP A 190 -35.54 -10.66 -3.77
C ASP A 190 -34.24 -11.34 -3.30
N ALA A 191 -33.82 -11.01 -2.08
CA ALA A 191 -32.63 -11.65 -1.48
C ALA A 191 -32.94 -13.05 -0.96
N GLY A 192 -34.22 -13.41 -0.93
CA GLY A 192 -34.63 -14.78 -0.60
C GLY A 192 -34.90 -15.06 0.87
N PHE A 193 -35.02 -14.00 1.66
CA PHE A 193 -35.44 -14.15 3.06
C PHE A 193 -36.87 -14.65 3.12
N ARG A 194 -37.19 -15.42 4.16
CA ARG A 194 -38.52 -16.00 4.28
C ARG A 194 -39.35 -15.27 5.34
N PHE A 195 -40.64 -15.15 5.05
CA PHE A 195 -41.59 -14.43 5.90
C PHE A 195 -42.46 -15.42 6.67
N PRO A 196 -42.99 -15.02 7.86
CA PRO A 196 -43.94 -15.89 8.55
C PRO A 196 -45.22 -16.08 7.72
N PRO A 197 -45.87 -17.27 7.83
CA PRO A 197 -47.05 -17.60 7.03
C PRO A 197 -48.16 -16.55 7.02
N LEU A 198 -48.38 -15.88 8.15
CA LEU A 198 -49.45 -14.86 8.21
C LEU A 198 -49.21 -13.74 7.19
N ILE A 199 -47.95 -13.35 7.04
CA ILE A 199 -47.56 -12.32 6.08
C ILE A 199 -47.49 -12.92 4.68
N GLU A 200 -46.85 -14.07 4.55
CA GLU A 200 -46.70 -14.72 3.25
C GLU A 200 -48.05 -15.02 2.58
N SER A 201 -49.06 -15.35 3.39
CA SER A 201 -50.39 -15.71 2.89
C SER A 201 -51.23 -14.51 2.42
N ILE A 202 -50.79 -13.30 2.74
CA ILE A 202 -51.52 -12.11 2.27
C ILE A 202 -51.39 -12.09 0.74
N PRO A 203 -52.51 -11.85 0.02
CA PRO A 203 -52.43 -11.80 -1.44
C PRO A 203 -51.41 -10.76 -1.89
N GLU A 204 -50.74 -11.03 -3.01
CA GLU A 204 -49.75 -10.10 -3.55
C GLU A 204 -50.37 -8.71 -3.77
N GLY A 205 -49.63 -7.68 -3.39
CA GLY A 205 -50.11 -6.30 -3.43
C GLY A 205 -51.09 -5.96 -2.32
N GLY A 206 -51.34 -6.91 -1.42
CA GLY A 206 -52.30 -6.70 -0.34
C GLY A 206 -51.71 -6.35 1.01
N ARG A 207 -52.58 -6.16 1.99
CA ARG A 207 -52.16 -5.84 3.34
C ARG A 207 -53.28 -6.19 4.32
N MSE A 208 -52.95 -6.26 5.60
CA MSE A 208 -53.95 -6.55 6.63
C MSE A 208 -53.57 -5.99 7.99
O MSE A 208 -52.39 -5.89 8.34
CB MSE A 208 -54.16 -8.07 6.76
CG MSE A 208 -53.00 -8.79 7.39
SE MSE A 208 -53.33 -10.71 7.55
CE MSE A 208 -54.66 -10.69 8.95
N ASP A 209 -54.61 -5.65 8.76
CA ASP A 209 -54.43 -5.33 10.15
C ASP A 209 -54.50 -6.61 10.96
N VAL A 210 -53.67 -6.66 12.00
CA VAL A 210 -53.54 -7.82 12.86
C VAL A 210 -53.71 -7.35 14.30
N SER A 211 -54.49 -8.10 15.07
CA SER A 211 -54.70 -7.78 16.48
C SER A 211 -53.39 -7.88 17.27
N ALA A 212 -53.23 -6.98 18.25
CA ALA A 212 -52.05 -6.92 19.11
C ALA A 212 -51.72 -8.26 19.77
N GLU A 213 -52.75 -8.99 20.19
CA GLU A 213 -52.62 -10.32 20.80
C GLU A 213 -51.91 -11.33 19.91
N ARG A 214 -51.98 -11.10 18.60
CA ARG A 214 -51.44 -12.00 17.58
C ARG A 214 -50.03 -11.65 17.12
N LEU A 215 -49.44 -10.62 17.74
CA LEU A 215 -48.04 -10.25 17.48
C LEU A 215 -47.06 -11.42 17.32
N PRO A 216 -47.15 -12.47 18.17
CA PRO A 216 -46.25 -13.62 18.00
C PRO A 216 -46.31 -14.29 16.63
N GLU A 217 -47.44 -14.21 15.93
CA GLU A 217 -47.56 -14.74 14.57
C GLU A 217 -46.76 -13.94 13.55
N LEU A 218 -46.31 -12.76 13.96
CA LEU A 218 -45.53 -11.88 13.09
C LEU A 218 -44.04 -11.94 13.44
N ASP A 219 -43.71 -12.74 14.45
CA ASP A 219 -42.33 -12.90 14.90
C ASP A 219 -41.49 -13.58 13.83
N ALA A 220 -40.20 -13.25 13.83
CA ALA A 220 -39.23 -13.84 12.92
C ALA A 220 -37.85 -13.65 13.53
N ASP A 221 -36.82 -14.12 12.83
CA ASP A 221 -35.44 -13.93 13.27
C ASP A 221 -35.17 -12.44 13.46
N PHE A 222 -35.54 -11.65 12.47
CA PHE A 222 -35.44 -10.20 12.54
C PHE A 222 -36.77 -9.58 12.21
N VAL A 223 -37.17 -8.59 12.99
CA VAL A 223 -38.40 -7.82 12.72
C VAL A 223 -38.01 -6.38 12.41
N PHE A 224 -38.43 -5.92 11.23
CA PHE A 224 -38.21 -4.54 10.78
C PHE A 224 -39.45 -3.70 10.97
N ALA A 225 -39.25 -2.41 11.27
CA ALA A 225 -40.33 -1.43 11.24
C ALA A 225 -39.74 -0.13 10.72
N THR A 226 -40.60 0.82 10.38
CA THR A 226 -40.16 2.12 9.90
C THR A 226 -40.67 3.29 10.75
N TRP A 227 -39.92 4.38 10.72
CA TRP A 227 -40.26 5.61 11.44
C TRP A 227 -40.24 6.78 10.45
N ARG A 228 -41.16 7.73 10.65
CA ARG A 228 -41.26 8.88 9.75
C ARG A 228 -40.37 10.02 10.21
N GLY A 229 -39.44 10.44 9.35
CA GLY A 229 -38.48 11.49 9.69
C GLY A 229 -38.55 12.78 8.90
N ASP A 230 -39.44 12.85 7.91
CA ASP A 230 -39.47 14.00 7.00
C ASP A 230 -40.00 15.30 7.63
N THR A 231 -40.62 15.21 8.79
CA THR A 231 -41.15 16.40 9.47
C THR A 231 -40.60 16.59 10.89
N GLY A 232 -39.41 16.07 11.14
CA GLY A 232 -38.76 16.21 12.45
C GLY A 232 -38.96 15.05 13.40
N GLY A 233 -39.54 13.96 12.91
CA GLY A 233 -39.74 12.76 13.74
C GLY A 233 -38.45 12.00 14.00
N LYS A 234 -38.51 11.06 14.95
CA LYS A 234 -37.34 10.26 15.34
C LYS A 234 -37.74 8.80 15.57
N PRO A 235 -36.78 7.86 15.47
CA PRO A 235 -37.09 6.43 15.67
C PRO A 235 -37.87 6.11 16.94
N GLN A 236 -37.61 6.86 18.02
CA GLN A 236 -38.31 6.66 19.29
C GLN A 236 -39.84 6.86 19.18
N ASP A 237 -40.28 7.56 18.15
CA ASP A 237 -41.71 7.77 17.87
C ASP A 237 -42.45 6.46 17.58
N GLU A 238 -41.87 5.61 16.74
CA GLU A 238 -42.48 4.32 16.46
C GLU A 238 -42.49 3.45 17.71
N LEU A 239 -41.44 3.54 18.51
CA LEU A 239 -41.40 2.83 19.80
C LEU A 239 -42.53 3.30 20.72
N ALA A 240 -42.73 4.61 20.83
CA ALA A 240 -43.82 5.17 21.64
C ALA A 240 -45.19 4.73 21.15
N THR A 241 -45.35 4.64 19.83
CA THR A 241 -46.61 4.23 19.21
C THR A 241 -46.90 2.74 19.42
N MSE A 242 -45.85 1.92 19.34
CA MSE A 242 -45.98 0.49 19.62
C MSE A 242 -46.39 0.26 21.08
O MSE A 242 -47.08 -0.72 21.38
CB MSE A 242 -44.67 -0.24 19.33
CG MSE A 242 -44.44 -0.54 17.85
SE MSE A 242 -45.80 -1.71 17.02
CE MSE A 242 -45.72 -3.24 18.23
N GLU A 243 -45.95 1.15 21.96
CA GLU A 243 -46.32 1.12 23.37
C GLU A 243 -47.80 1.40 23.55
N LYS A 244 -48.33 2.34 22.76
CA LYS A 244 -49.76 2.63 22.72
C LYS A 244 -50.59 1.44 22.21
N VAL A 245 -50.01 0.65 21.31
CA VAL A 245 -50.64 -0.57 20.81
C VAL A 245 -50.77 -1.62 21.92
N MSE A 246 -49.68 -1.85 22.63
CA MSE A 246 -49.65 -2.84 23.69
C MSE A 246 -48.47 -2.61 24.62
O MSE A 246 -47.31 -2.74 24.20
CB MSE A 246 -49.57 -4.26 23.11
CG MSE A 246 -50.22 -5.32 23.97
SE MSE A 246 -49.39 -7.03 23.60
CE MSE A 246 -48.02 -6.97 24.98
N PRO A 247 -48.74 -2.25 25.89
CA PRO A 247 -47.66 -2.13 26.87
C PRO A 247 -46.96 -3.48 27.01
N GLY A 248 -45.64 -3.48 26.91
CA GLY A 248 -44.85 -4.70 27.01
C GLY A 248 -44.82 -5.52 25.74
N TRP A 249 -45.12 -4.88 24.61
CA TRP A 249 -45.17 -5.53 23.30
C TRP A 249 -43.88 -6.26 22.95
N CYS A 250 -42.76 -5.71 23.44
CA CYS A 250 -41.43 -6.28 23.24
C CYS A 250 -41.37 -7.76 23.62
N GLN A 251 -42.03 -8.10 24.73
CA GLN A 251 -42.00 -9.46 25.27
C GLN A 251 -42.78 -10.48 24.42
N PHE A 252 -43.64 -9.98 23.54
CA PHE A 252 -44.41 -10.84 22.64
C PHE A 252 -43.65 -11.26 21.38
N LEU A 253 -42.49 -10.66 21.16
CA LEU A 253 -41.64 -10.97 20.02
C LEU A 253 -40.26 -11.41 20.48
N THR A 254 -39.87 -12.63 20.11
CA THR A 254 -38.51 -13.09 20.40
C THR A 254 -37.50 -12.17 19.72
N ALA A 255 -37.87 -11.59 18.59
CA ALA A 255 -36.99 -10.68 17.87
C ALA A 255 -36.66 -9.43 18.69
N CYS A 256 -37.66 -8.83 19.32
N CYS A 256 -37.67 -8.84 19.31
CA CYS A 256 -37.46 -7.63 20.11
CA CYS A 256 -37.49 -7.64 20.13
C CYS A 256 -36.74 -7.94 21.43
C CYS A 256 -36.75 -7.94 21.43
N ARG A 257 -37.11 -9.06 22.07
CA ARG A 257 -36.49 -9.50 23.32
C ARG A 257 -34.99 -9.74 23.15
N SER A 258 -34.61 -10.22 21.96
CA SER A 258 -33.24 -10.59 21.64
CA SER A 258 -33.22 -10.58 21.67
C SER A 258 -32.42 -9.45 21.01
N GLY A 259 -33.05 -8.30 20.83
CA GLY A 259 -32.36 -7.16 20.21
C GLY A 259 -32.17 -7.32 18.71
N ARG A 260 -33.18 -7.88 18.05
CA ARG A 260 -33.20 -8.04 16.60
C ARG A 260 -34.42 -7.35 16.01
N TYR A 261 -34.82 -6.24 16.64
CA TYR A 261 -35.85 -5.37 16.11
C TYR A 261 -35.15 -4.16 15.52
N VAL A 262 -35.45 -3.87 14.26
CA VAL A 262 -34.70 -2.92 13.47
C VAL A 262 -35.62 -1.83 12.94
N LEU A 263 -35.26 -0.58 13.20
CA LEU A 263 -36.01 0.58 12.75
C LEU A 263 -35.33 1.26 11.56
N ILE A 264 -36.09 1.45 10.48
CA ILE A 264 -35.60 2.01 9.21
C ILE A 264 -36.34 3.29 8.86
N SER A 265 -35.62 4.29 8.34
CA SER A 265 -36.26 5.53 7.90
C SER A 265 -37.33 5.28 6.81
N ARG A 266 -38.57 5.71 7.08
CA ARG A 266 -39.72 5.38 6.23
C ARG A 266 -39.67 6.02 4.84
N GLU A 267 -39.27 7.29 4.76
CA GLU A 267 -39.31 8.03 3.48
C GLU A 267 -38.56 7.29 2.37
N GLU A 268 -37.36 6.81 2.69
CA GLU A 268 -36.59 6.00 1.75
C GLU A 268 -37.19 4.60 1.56
N ALA A 269 -37.71 4.00 2.63
CA ALA A 269 -38.27 2.65 2.56
C ALA A 269 -39.52 2.54 1.67
N ILE A 270 -40.27 3.64 1.54
CA ILE A 270 -41.54 3.63 0.79
C ILE A 270 -41.41 4.07 -0.68
N SER A 271 -40.26 4.62 -1.05
CA SER A 271 -39.98 5.09 -2.41
C SER A 271 -39.91 3.92 -3.40
N ASN A 272 -40.31 4.17 -4.65
CA ASN A 272 -40.19 3.18 -5.72
C ASN A 272 -38.79 3.11 -6.36
N SER A 273 -37.87 3.92 -5.84
CA SER A 273 -36.65 4.22 -6.57
C SER A 273 -35.55 3.18 -6.44
N PHE A 274 -34.68 3.14 -7.45
CA PHE A 274 -33.49 2.30 -7.37
C PHE A 274 -32.54 2.77 -6.28
N ALA A 275 -32.53 4.09 -6.03
CA ALA A 275 -31.75 4.65 -4.94
C ALA A 275 -32.15 3.99 -3.64
N SER A 276 -33.47 3.90 -3.41
CA SER A 276 -34.02 3.27 -2.21
C SER A 276 -33.65 1.80 -2.07
N LEU A 277 -33.71 1.06 -3.18
CA LEU A 277 -33.36 -0.37 -3.15
C LEU A 277 -31.95 -0.60 -2.60
N GLY A 278 -31.01 0.23 -3.06
CA GLY A 278 -29.62 0.17 -2.61
C GLY A 278 -29.48 0.46 -1.13
N LEU A 279 -30.18 1.51 -0.67
CA LEU A 279 -30.19 1.89 0.75
C LEU A 279 -30.77 0.79 1.62
N MSE A 280 -31.84 0.13 1.14
CA MSE A 280 -32.40 -1.00 1.88
C MSE A 280 -31.42 -2.18 1.95
O MSE A 280 -31.17 -2.71 3.03
CB MSE A 280 -33.71 -1.47 1.23
CG MSE A 280 -34.84 -0.44 1.23
SE MSE A 280 -35.29 0.28 2.99
CE MSE A 280 -34.58 2.07 2.78
N ALA A 281 -30.85 -2.55 0.80
CA ALA A 281 -29.92 -3.68 0.74
C ALA A 281 -28.73 -3.51 1.70
N ALA A 282 -28.18 -2.30 1.77
CA ALA A 282 -27.06 -2.00 2.67
C ALA A 282 -27.43 -2.13 4.15
N GLN A 283 -28.60 -1.60 4.51
CA GLN A 283 -29.07 -1.64 5.89
C GLN A 283 -29.41 -3.07 6.33
N ILE A 284 -30.10 -3.82 5.46
CA ILE A 284 -30.39 -5.23 5.72
C ILE A 284 -29.07 -6.00 5.95
N GLN A 285 -28.11 -5.78 5.07
CA GLN A 285 -26.83 -6.46 5.18
C GLN A 285 -26.15 -6.28 6.54
N SER A 286 -25.94 -5.03 6.96
CA SER A 286 -25.22 -4.79 8.22
C SER A 286 -26.05 -5.06 9.47
N GLN A 287 -27.37 -4.87 9.39
CA GLN A 287 -28.24 -5.15 10.53
C GLN A 287 -28.34 -6.64 10.83
N ILE A 288 -28.42 -7.45 9.79
CA ILE A 288 -28.57 -8.90 9.96
C ILE A 288 -27.21 -9.59 10.18
N ALA A 289 -26.23 -9.26 9.35
CA ALA A 289 -24.94 -9.96 9.38
C ALA A 289 -23.80 -9.18 10.05
N GLY A 290 -24.01 -7.91 10.34
CA GLY A 290 -22.92 -7.06 10.82
C GLY A 290 -23.12 -6.43 12.18
N ARG A 291 -23.91 -7.08 13.04
CA ARG A 291 -24.20 -6.55 14.36
C ARG A 291 -24.23 -7.68 15.40
N PRO A 292 -23.03 -8.17 15.78
CA PRO A 292 -22.93 -9.25 16.77
C PRO A 292 -23.43 -8.81 18.14
N LEU A 293 -24.26 -9.65 18.75
CA LEU A 293 -24.81 -9.32 20.05
C LEU A 293 -24.30 -10.29 21.12
N PRO A 294 -24.01 -9.76 22.32
CA PRO A 294 -23.47 -10.61 23.41
C PRO A 294 -24.45 -11.68 23.86
N VAL B 3 -9.57 27.41 -19.28
CA VAL B 3 -10.16 27.84 -20.58
C VAL B 3 -9.70 26.86 -21.67
N GLN B 4 -10.28 25.66 -21.61
CA GLN B 4 -9.68 24.46 -22.21
C GLN B 4 -8.25 24.19 -21.71
N VAL B 5 -7.85 24.90 -20.64
CA VAL B 5 -6.54 24.68 -20.01
C VAL B 5 -6.73 24.11 -18.61
N PHE B 6 -6.11 22.96 -18.36
CA PHE B 6 -6.19 22.28 -17.08
C PHE B 6 -4.77 22.03 -16.59
N THR B 7 -4.44 22.55 -15.42
CA THR B 7 -3.17 22.24 -14.78
C THR B 7 -3.36 21.00 -13.92
N ASP B 8 -2.66 19.93 -14.26
CA ASP B 8 -2.85 18.66 -13.57
C ASP B 8 -2.01 18.57 -12.30
N ASP B 9 -2.03 17.40 -11.66
CA ASP B 9 -1.35 17.24 -10.37
C ASP B 9 0.16 17.00 -10.49
N LEU B 10 0.65 17.02 -11.73
CA LEU B 10 2.09 17.03 -11.99
C LEU B 10 2.58 18.45 -12.30
N GLY B 11 1.66 19.41 -12.26
CA GLY B 11 1.95 20.81 -12.64
C GLY B 11 1.96 21.04 -14.14
N ARG B 12 1.50 20.05 -14.89
CA ARG B 12 1.47 20.16 -16.36
C ARG B 12 0.28 20.98 -16.82
N LYS B 13 0.56 21.99 -17.65
CA LYS B 13 -0.48 22.82 -18.25
C LYS B 13 -0.99 22.15 -19.52
N VAL B 14 -2.14 21.48 -19.41
CA VAL B 14 -2.66 20.67 -20.53
C VAL B 14 -3.87 21.31 -21.21
N THR B 15 -3.78 21.46 -22.53
CA THR B 15 -4.92 21.92 -23.32
C THR B 15 -5.84 20.74 -23.62
N VAL B 16 -7.09 20.84 -23.19
CA VAL B 16 -8.06 19.73 -23.26
C VAL B 16 -9.32 20.11 -24.04
N PRO B 17 -10.12 19.09 -24.46
CA PRO B 17 -11.42 19.41 -25.08
C PRO B 17 -12.34 20.11 -24.09
N ALA B 18 -13.20 20.98 -24.59
CA ALA B 18 -14.16 21.68 -23.73
C ALA B 18 -15.18 20.68 -23.20
N HIS B 19 -15.64 19.80 -24.08
CA HIS B 19 -16.62 18.79 -23.72
C HIS B 19 -16.15 17.43 -24.22
N PRO B 20 -15.24 16.76 -23.47
CA PRO B 20 -14.66 15.49 -23.95
C PRO B 20 -15.74 14.43 -24.13
N LYS B 21 -15.66 13.70 -25.24
CA LYS B 21 -16.69 12.73 -25.61
C LYS B 21 -16.19 11.29 -25.54
N ARG B 22 -14.87 11.12 -25.57
CA ARG B 22 -14.24 9.80 -25.62
C ARG B 22 -13.05 9.77 -24.67
N ILE B 23 -13.35 9.57 -23.39
CA ILE B 23 -12.31 9.58 -22.35
C ILE B 23 -11.75 8.19 -22.12
N VAL B 24 -10.42 8.10 -21.97
CA VAL B 24 -9.78 6.86 -21.58
C VAL B 24 -9.29 7.01 -20.14
N SER B 25 -9.68 6.06 -19.29
CA SER B 25 -9.32 6.08 -17.88
C SER B 25 -8.30 5.01 -17.53
N LEU B 26 -7.22 5.41 -16.89
CA LEU B 26 -6.17 4.48 -16.49
C LEU B 26 -6.31 3.97 -15.05
N HIS B 27 -7.44 4.24 -14.40
CA HIS B 27 -7.71 3.59 -13.11
C HIS B 27 -9.19 3.44 -12.79
N ASP B 28 -9.63 2.19 -12.59
CA ASP B 28 -11.04 1.92 -12.30
C ASP B 28 -11.58 2.70 -11.08
N LEU B 29 -10.94 2.53 -9.92
CA LEU B 29 -11.44 3.11 -8.67
C LEU B 29 -11.29 4.63 -8.58
N ASP B 30 -10.11 5.11 -8.96
CA ASP B 30 -9.76 6.52 -8.77
C ASP B 30 -10.36 7.45 -9.83
N ILE B 31 -10.65 6.90 -11.00
CA ILE B 31 -11.08 7.72 -12.14
C ILE B 31 -12.39 7.25 -12.81
N THR B 32 -12.47 5.97 -13.14
CA THR B 32 -13.64 5.45 -13.85
C THR B 32 -14.93 5.60 -13.05
N ILE B 33 -14.92 5.19 -11.79
CA ILE B 33 -16.13 5.31 -10.97
C ILE B 33 -16.62 6.78 -10.88
N PRO B 34 -15.75 7.74 -10.49
CA PRO B 34 -16.16 9.14 -10.51
C PRO B 34 -16.69 9.63 -11.87
N LEU B 35 -16.05 9.24 -12.97
CA LEU B 35 -16.52 9.63 -14.31
C LEU B 35 -17.93 9.11 -14.59
N ILE B 36 -18.18 7.85 -14.25
CA ILE B 36 -19.52 7.27 -14.40
C ILE B 36 -20.55 8.06 -13.59
N GLU B 37 -20.21 8.37 -12.34
CA GLU B 37 -21.09 9.15 -11.46
C GLU B 37 -21.37 10.56 -12.01
N LEU B 38 -20.36 11.16 -12.62
CA LEU B 38 -20.47 12.51 -13.23
C LEU B 38 -21.22 12.55 -14.57
N GLY B 39 -21.57 11.36 -15.09
CA GLY B 39 -22.32 11.25 -16.33
C GLY B 39 -21.46 11.28 -17.57
N VAL B 40 -20.16 11.06 -17.41
CA VAL B 40 -19.22 10.99 -18.54
C VAL B 40 -18.37 9.71 -18.48
N PRO B 41 -19.03 8.55 -18.62
CA PRO B 41 -18.29 7.29 -18.52
C PRO B 41 -17.25 7.22 -19.62
N PRO B 42 -16.08 6.63 -19.32
CA PRO B 42 -15.02 6.51 -20.32
C PRO B 42 -15.36 5.49 -21.42
N VAL B 43 -14.72 5.61 -22.57
CA VAL B 43 -14.87 4.63 -23.66
C VAL B 43 -13.94 3.43 -23.45
N ALA B 44 -12.95 3.60 -22.60
CA ALA B 44 -12.01 2.55 -22.25
C ALA B 44 -11.50 2.78 -20.83
N SER B 45 -11.23 1.67 -20.13
CA SER B 45 -10.83 1.75 -18.74
C SER B 45 -9.89 0.62 -18.29
N HIS B 46 -8.97 0.97 -17.41
CA HIS B 46 -8.28 0.02 -16.57
C HIS B 46 -9.31 -0.81 -15.79
N GLY B 47 -8.95 -2.04 -15.46
CA GLY B 47 -9.80 -2.89 -14.62
C GLY B 47 -8.98 -4.01 -14.03
N ARG B 48 -9.65 -4.96 -13.40
CA ARG B 48 -9.00 -6.10 -12.78
C ARG B 48 -9.17 -7.35 -13.63
N THR B 49 -8.32 -8.33 -13.36
CA THR B 49 -8.28 -9.56 -14.13
C THR B 49 -8.29 -10.74 -13.17
N ARG B 50 -9.20 -11.68 -13.42
CA ARG B 50 -9.27 -12.94 -12.70
C ARG B 50 -8.37 -13.99 -13.38
N PRO B 51 -7.93 -15.03 -12.64
CA PRO B 51 -7.08 -16.07 -13.22
C PRO B 51 -7.67 -16.78 -14.46
N ASP B 52 -9.00 -16.78 -14.58
CA ASP B 52 -9.68 -17.33 -15.77
C ASP B 52 -9.69 -16.37 -16.97
N GLY B 53 -9.14 -15.18 -16.75
CA GLY B 53 -8.99 -14.18 -17.82
C GLY B 53 -10.14 -13.19 -17.92
N SER B 54 -11.20 -13.38 -17.14
CA SER B 54 -12.29 -12.40 -17.10
C SER B 54 -11.81 -11.10 -16.47
N HIS B 55 -12.41 -9.99 -16.92
CA HIS B 55 -12.04 -8.66 -16.47
C HIS B 55 -13.26 -7.97 -15.88
N PHE B 56 -13.00 -7.07 -14.93
CA PHE B 56 -14.08 -6.25 -14.38
C PHE B 56 -13.57 -4.89 -13.90
N ILE B 57 -14.47 -3.90 -13.91
CA ILE B 57 -14.19 -2.59 -13.30
C ILE B 57 -14.46 -2.75 -11.81
N ARG B 58 -13.44 -2.56 -10.97
CA ARG B 58 -13.61 -2.77 -9.54
C ARG B 58 -14.73 -1.88 -9.01
N SER B 59 -15.71 -2.52 -8.35
N SER B 59 -15.71 -2.49 -8.35
CA SER B 59 -16.91 -1.87 -7.79
CA SER B 59 -16.89 -1.80 -7.78
C SER B 59 -17.88 -1.30 -8.82
C SER B 59 -17.83 -1.19 -8.82
N GLY B 60 -17.56 -1.46 -10.10
CA GLY B 60 -18.37 -0.90 -11.19
C GLY B 60 -19.83 -1.34 -11.14
N ALA B 61 -20.06 -2.66 -11.21
CA ALA B 61 -21.43 -3.17 -11.19
C ALA B 61 -22.14 -2.83 -9.88
N LEU B 62 -21.42 -3.01 -8.77
CA LEU B 62 -21.99 -2.82 -7.44
C LEU B 62 -22.41 -1.37 -7.17
N LEU B 63 -21.57 -0.41 -7.55
CA LEU B 63 -21.82 0.99 -7.19
C LEU B 63 -22.47 1.84 -8.28
N THR B 64 -22.36 1.39 -9.53
CA THR B 64 -22.87 2.17 -10.66
C THR B 64 -23.73 1.41 -11.65
N GLY B 65 -23.67 0.07 -11.61
CA GLY B 65 -24.38 -0.77 -12.60
C GLY B 65 -23.64 -0.92 -13.92
N VAL B 66 -22.44 -0.35 -14.01
CA VAL B 66 -21.67 -0.36 -15.27
C VAL B 66 -20.44 -1.27 -15.13
N ASP B 67 -20.29 -2.21 -16.06
CA ASP B 67 -19.09 -3.06 -16.10
C ASP B 67 -18.72 -3.31 -17.57
N PHE B 68 -17.61 -4.01 -17.81
CA PHE B 68 -17.22 -4.31 -19.19
C PHE B 68 -18.27 -5.20 -19.86
N ASP B 69 -18.87 -6.11 -19.10
CA ASP B 69 -19.71 -7.14 -19.68
C ASP B 69 -21.15 -6.70 -20.01
N ASN B 70 -21.51 -5.46 -19.67
CA ASN B 70 -22.82 -4.91 -20.03
C ASN B 70 -22.74 -3.52 -20.69
N SER B 71 -21.56 -3.19 -21.21
CA SER B 71 -21.33 -1.89 -21.83
C SER B 71 -20.41 -2.02 -23.04
N SER B 72 -20.13 -0.88 -23.69
CA SER B 72 -19.16 -0.82 -24.77
C SER B 72 -17.79 -0.32 -24.29
N ILE B 73 -17.62 -0.15 -22.98
CA ILE B 73 -16.33 0.26 -22.42
C ILE B 73 -15.30 -0.85 -22.65
N ALA B 74 -14.22 -0.49 -23.33
CA ALA B 74 -13.13 -1.41 -23.63
C ALA B 74 -12.18 -1.57 -22.44
N PHE B 75 -11.79 -2.82 -22.14
CA PHE B 75 -10.77 -3.09 -21.13
C PHE B 75 -9.40 -2.85 -21.73
N ILE B 76 -8.56 -2.07 -21.04
CA ILE B 76 -7.23 -1.75 -21.57
C ILE B 76 -6.06 -2.23 -20.73
N GLY B 77 -6.33 -3.07 -19.74
CA GLY B 77 -5.27 -3.70 -18.95
C GLY B 77 -5.39 -3.47 -17.45
N THR B 78 -4.69 -4.32 -16.70
CA THR B 78 -4.65 -4.24 -15.24
C THR B 78 -3.28 -3.74 -14.80
N ALA B 79 -2.24 -4.47 -15.17
CA ALA B 79 -0.87 -4.09 -14.82
C ALA B 79 -0.34 -3.16 -15.90
N ASP B 80 -0.02 -3.73 -17.06
CA ASP B 80 0.43 -2.97 -18.24
C ASP B 80 -0.75 -2.50 -19.08
N ILE B 81 -0.68 -1.26 -19.55
CA ILE B 81 -1.75 -0.71 -20.37
C ILE B 81 -1.56 -1.04 -21.86
N ASP B 82 -2.65 -1.41 -22.52
CA ASP B 82 -2.66 -1.80 -23.92
C ASP B 82 -2.74 -0.53 -24.78
N ILE B 83 -1.59 -0.05 -25.24
CA ILE B 83 -1.53 1.19 -26.03
C ILE B 83 -2.31 1.08 -27.36
N GLU B 84 -2.23 -0.09 -27.99
CA GLU B 84 -2.96 -0.37 -29.23
C GLU B 84 -4.47 -0.22 -29.02
N ALA B 85 -4.96 -0.69 -27.87
CA ALA B 85 -6.38 -0.63 -27.54
C ALA B 85 -6.82 0.82 -27.30
N ILE B 86 -6.00 1.58 -26.59
CA ILE B 86 -6.24 3.02 -26.40
C ILE B 86 -6.34 3.73 -27.75
N VAL B 87 -5.37 3.51 -28.64
CA VAL B 87 -5.40 4.10 -29.98
C VAL B 87 -6.70 3.74 -30.72
N ALA B 88 -7.11 2.47 -30.61
CA ALA B 88 -8.31 1.98 -31.27
C ALA B 88 -9.58 2.62 -30.71
N ALA B 89 -9.55 3.02 -29.43
CA ALA B 89 -10.68 3.68 -28.78
C ALA B 89 -10.88 5.12 -29.25
N LYS B 90 -9.93 5.65 -30.02
CA LYS B 90 -9.93 7.05 -30.52
C LYS B 90 -10.27 8.09 -29.45
N PRO B 91 -9.44 8.19 -28.39
CA PRO B 91 -9.81 9.09 -27.29
C PRO B 91 -9.56 10.55 -27.63
N ASP B 92 -10.37 11.44 -27.04
CA ASP B 92 -10.05 12.86 -27.05
C ASP B 92 -9.42 13.34 -25.74
N LEU B 93 -9.41 12.45 -24.74
CA LEU B 93 -8.81 12.74 -23.42
C LEU B 93 -8.40 11.46 -22.71
N ILE B 94 -7.19 11.47 -22.15
CA ILE B 94 -6.70 10.35 -21.36
C ILE B 94 -6.42 10.85 -19.95
N ILE B 95 -6.94 10.14 -18.95
CA ILE B 95 -6.73 10.51 -17.56
C ILE B 95 -5.97 9.39 -16.87
N THR B 96 -4.88 9.76 -16.22
CA THR B 96 -4.04 8.79 -15.53
C THR B 96 -3.82 9.26 -14.08
N GLU B 97 -3.03 8.51 -13.33
CA GLU B 97 -2.71 8.86 -11.95
C GLU B 97 -1.32 8.34 -11.59
N PRO B 98 -0.68 8.95 -10.56
CA PRO B 98 0.76 8.71 -10.32
C PRO B 98 1.19 7.29 -9.94
N THR B 99 0.26 6.43 -9.53
CA THR B 99 0.61 5.02 -9.23
C THR B 99 0.67 4.14 -10.49
N ARG B 100 0.38 4.72 -11.66
CA ARG B 100 0.46 3.99 -12.93
C ARG B 100 1.87 4.04 -13.51
N ASN B 101 2.23 3.02 -14.29
CA ASN B 101 3.59 2.90 -14.81
C ASN B 101 3.74 3.19 -16.32
N THR B 102 2.67 3.66 -16.95
CA THR B 102 2.72 4.04 -18.36
C THR B 102 3.39 5.40 -18.49
N PRO B 103 4.50 5.48 -19.26
CA PRO B 103 5.18 6.75 -19.47
C PRO B 103 4.21 7.76 -20.08
N ILE B 104 4.10 8.94 -19.47
CA ILE B 104 3.15 9.95 -19.91
C ILE B 104 3.41 10.37 -21.36
N GLU B 105 4.66 10.30 -21.78
CA GLU B 105 5.04 10.68 -23.16
C GLU B 105 4.39 9.78 -24.21
N ARG B 106 4.21 8.50 -23.90
CA ARG B 106 3.52 7.59 -24.82
C ARG B 106 2.04 7.96 -24.96
N LEU B 107 1.44 8.38 -23.84
CA LEU B 107 0.03 8.79 -23.84
C LEU B 107 -0.19 10.12 -24.55
N GLU B 108 0.71 11.08 -24.30
CA GLU B 108 0.63 12.43 -24.89
C GLU B 108 0.59 12.38 -26.42
N LYS B 109 1.23 11.37 -27.00
CA LYS B 109 1.27 11.24 -28.47
C LYS B 109 -0.09 10.83 -29.04
N ILE B 110 -0.95 10.28 -28.17
CA ILE B 110 -2.26 9.79 -28.58
C ILE B 110 -3.34 10.87 -28.43
N ALA B 111 -3.40 11.46 -27.23
CA ALA B 111 -4.41 12.48 -26.91
C ALA B 111 -3.94 13.34 -25.73
N PRO B 112 -4.59 14.51 -25.52
CA PRO B 112 -4.31 15.27 -24.31
C PRO B 112 -4.42 14.36 -23.09
N THR B 113 -3.39 14.38 -22.25
CA THR B 113 -3.28 13.48 -21.11
C THR B 113 -3.10 14.28 -19.82
N VAL B 114 -3.88 13.92 -18.80
CA VAL B 114 -3.81 14.58 -17.51
C VAL B 114 -3.63 13.57 -16.39
N SER B 115 -2.88 13.97 -15.37
CA SER B 115 -2.61 13.13 -14.21
C SER B 115 -3.27 13.73 -12.96
N ILE B 116 -4.09 12.91 -12.30
CA ILE B 116 -4.82 13.31 -11.08
CA ILE B 116 -4.74 13.35 -11.07
C ILE B 116 -4.38 12.45 -9.90
N ASP B 117 -4.12 13.09 -8.76
CA ASP B 117 -3.57 12.41 -7.59
C ASP B 117 -4.53 12.51 -6.40
N HIS B 118 -5.08 11.36 -5.98
CA HIS B 118 -6.02 11.34 -4.86
C HIS B 118 -5.37 11.71 -3.52
N LEU B 119 -4.04 11.71 -3.49
CA LEU B 119 -3.30 12.10 -2.29
C LEU B 119 -3.37 13.60 -1.98
N LYS B 120 -3.76 14.41 -2.96
CA LYS B 120 -3.97 15.83 -2.72
C LYS B 120 -5.45 16.19 -2.65
N GLY B 121 -6.00 16.14 -1.44
CA GLY B 121 -7.38 16.51 -1.18
C GLY B 121 -8.35 15.35 -1.10
N GLY B 122 -7.94 14.18 -1.61
CA GLY B 122 -8.79 13.00 -1.63
C GLY B 122 -9.99 13.13 -2.56
N ALA B 123 -11.05 12.40 -2.24
CA ALA B 123 -12.25 12.31 -3.08
C ALA B 123 -12.89 13.65 -3.47
N PRO B 124 -13.10 14.57 -2.50
CA PRO B 124 -13.67 15.87 -2.87
C PRO B 124 -12.88 16.59 -3.96
N GLU B 125 -11.56 16.53 -3.87
CA GLU B 125 -10.70 17.17 -4.87
C GLU B 125 -10.69 16.44 -6.21
N ILE B 126 -10.71 15.11 -6.17
CA ILE B 126 -10.83 14.31 -7.39
C ILE B 126 -12.09 14.69 -8.16
N TYR B 127 -13.23 14.76 -7.47
CA TYR B 127 -14.48 15.08 -8.16
C TYR B 127 -14.50 16.51 -8.70
N ARG B 128 -13.96 17.45 -7.93
CA ARG B 128 -13.88 18.84 -8.39
C ARG B 128 -13.05 18.93 -9.67
N LYS B 129 -11.89 18.27 -9.67
CA LYS B 129 -10.98 18.28 -10.81
C LYS B 129 -11.60 17.61 -12.03
N LEU B 130 -12.18 16.42 -11.84
CA LEU B 130 -12.83 15.70 -12.94
C LEU B 130 -14.01 16.49 -13.53
N ALA B 131 -14.80 17.15 -12.69
CA ALA B 131 -15.90 18.00 -13.13
C ALA B 131 -15.41 19.18 -13.97
N GLU B 132 -14.32 19.80 -13.54
CA GLU B 132 -13.73 20.93 -14.29
C GLU B 132 -13.16 20.44 -15.61
N LEU B 133 -12.44 19.33 -15.55
CA LEU B 133 -11.86 18.72 -16.73
C LEU B 133 -12.92 18.36 -17.77
N THR B 134 -14.07 17.85 -17.33
CA THR B 134 -15.08 17.28 -18.24
C THR B 134 -16.33 18.16 -18.45
N GLY B 135 -16.38 19.30 -17.77
CA GLY B 135 -17.52 20.23 -17.90
C GLY B 135 -18.80 19.74 -17.26
N THR B 136 -18.65 18.93 -16.21
CA THR B 136 -19.80 18.33 -15.53
C THR B 136 -20.03 18.96 -14.15
N GLN B 137 -19.74 20.26 -14.04
CA GLN B 137 -19.96 21.00 -12.79
C GLN B 137 -21.42 20.94 -12.34
N SER B 138 -22.36 20.92 -13.30
CA SER B 138 -23.78 20.87 -12.99
CA SER B 138 -23.78 20.86 -12.99
C SER B 138 -24.15 19.53 -12.34
N GLN B 139 -23.64 18.43 -12.90
CA GLN B 139 -23.89 17.11 -12.30
C GLN B 139 -23.23 16.98 -10.93
N LEU B 140 -22.02 17.51 -10.78
CA LEU B 140 -21.35 17.51 -9.46
C LEU B 140 -22.19 18.24 -8.41
N ALA B 141 -22.76 19.39 -8.77
CA ALA B 141 -23.62 20.15 -7.86
C ALA B 141 -24.83 19.32 -7.40
N ILE B 142 -25.40 18.54 -8.33
CA ILE B 142 -26.52 17.66 -8.00
C ILE B 142 -26.09 16.60 -6.99
N LEU B 143 -24.92 15.99 -7.24
CA LEU B 143 -24.39 14.95 -6.36
C LEU B 143 -24.11 15.51 -4.96
N GLU B 144 -23.57 16.73 -4.92
CA GLU B 144 -23.27 17.41 -3.67
C GLU B 144 -24.53 17.79 -2.90
N ARG B 145 -25.58 18.20 -3.62
CA ARG B 145 -26.88 18.49 -3.01
C ARG B 145 -27.50 17.26 -2.35
N ARG B 146 -27.45 16.12 -3.03
CA ARG B 146 -27.93 14.88 -2.42
C ARG B 146 -27.15 14.55 -1.14
N TYR B 147 -25.82 14.65 -1.20
CA TYR B 147 -24.99 14.39 -0.03
C TYR B 147 -25.38 15.31 1.15
N GLN B 148 -25.58 16.58 0.86
CA GLN B 148 -26.02 17.52 1.89
CA GLN B 148 -26.05 17.54 1.86
C GLN B 148 -27.35 17.07 2.50
N ALA B 149 -28.28 16.61 1.67
CA ALA B 149 -29.58 16.13 2.15
C ALA B 149 -29.43 14.91 3.05
N GLN B 150 -28.52 14.01 2.66
CA GLN B 150 -28.25 12.80 3.45
C GLN B 150 -27.67 13.11 4.83
N ILE B 151 -26.71 14.05 4.88
CA ILE B 151 -26.09 14.50 6.13
C ILE B 151 -27.15 15.16 7.03
N ASN B 152 -27.96 16.05 6.43
CA ASN B 152 -29.02 16.72 7.18
C ASN B 152 -30.05 15.76 7.76
N ALA B 153 -30.40 14.71 6.99
CA ALA B 153 -31.30 13.66 7.46
C ALA B 153 -30.71 12.93 8.68
N LEU B 154 -29.43 12.60 8.59
CA LEU B 154 -28.72 11.95 9.68
C LEU B 154 -28.66 12.84 10.92
N LYS B 155 -28.29 14.11 10.72
CA LYS B 155 -28.21 15.09 11.81
C LYS B 155 -29.57 15.27 12.51
N ALA B 156 -30.65 15.18 11.73
CA ALA B 156 -32.01 15.34 12.26
C ALA B 156 -32.50 14.11 13.03
N THR B 157 -31.85 12.98 12.83
CA THR B 157 -32.28 11.71 13.42
C THR B 157 -31.92 11.63 14.90
N LEU B 158 -30.84 12.32 15.27
CA LEU B 158 -30.28 12.21 16.61
C LEU B 158 -29.24 13.30 16.89
N ASP B 159 -28.93 13.49 18.17
CA ASP B 159 -27.95 14.48 18.58
C ASP B 159 -26.55 13.88 18.44
N SER B 160 -26.04 13.90 17.21
CA SER B 160 -24.76 13.30 16.87
C SER B 160 -23.59 13.89 17.66
N GLN B 161 -23.71 15.17 18.01
CA GLN B 161 -22.66 15.85 18.79
C GLN B 161 -22.53 15.31 20.21
N LYS B 162 -23.53 14.55 20.65
CA LYS B 162 -23.49 13.90 21.96
C LYS B 162 -22.97 12.46 21.89
N ILE B 163 -22.77 11.95 20.69
CA ILE B 163 -22.40 10.54 20.48
C ILE B 163 -20.98 10.40 19.95
N THR B 164 -20.21 9.51 20.57
CA THR B 164 -18.86 9.24 20.12
C THR B 164 -18.82 7.96 19.29
N VAL B 165 -18.00 7.98 18.24
CA VAL B 165 -17.86 6.83 17.35
C VAL B 165 -16.37 6.60 17.08
N SER B 166 -16.03 5.37 16.71
CA SER B 166 -14.65 5.01 16.45
C SER B 166 -14.63 4.03 15.30
N VAL B 167 -13.69 4.20 14.36
CA VAL B 167 -13.52 3.26 13.26
C VAL B 167 -12.16 2.59 13.40
N ILE B 168 -12.15 1.26 13.42
CA ILE B 168 -10.90 0.51 13.62
C ILE B 168 -10.73 -0.56 12.55
N GLN B 169 -9.48 -1.00 12.34
CA GLN B 169 -9.20 -2.08 11.42
C GLN B 169 -8.06 -2.93 11.92
N ALA B 170 -8.27 -4.24 11.95
CA ALA B 170 -7.22 -5.21 12.24
C ALA B 170 -6.15 -5.13 11.15
N ASN B 171 -4.89 -5.02 11.57
CA ASN B 171 -3.75 -4.94 10.67
C ASN B 171 -2.58 -5.74 11.23
N GLN B 172 -2.54 -7.03 10.89
CA GLN B 172 -1.41 -7.90 11.24
C GLN B 172 -1.01 -7.84 12.71
N GLY B 173 -1.96 -8.14 13.60
CA GLY B 173 -1.69 -8.16 15.04
C GLY B 173 -1.84 -6.82 15.76
N LYS B 174 -2.01 -5.75 15.00
CA LYS B 174 -2.27 -4.44 15.61
C LYS B 174 -3.53 -3.81 15.04
N ILE B 175 -3.86 -2.61 15.52
CA ILE B 175 -5.06 -1.91 15.09
C ILE B 175 -4.66 -0.67 14.33
N ASN B 176 -5.11 -0.57 13.08
CA ASN B 176 -4.89 0.62 12.28
C ASN B 176 -6.08 1.57 12.41
N VAL B 177 -5.78 2.84 12.62
CA VAL B 177 -6.80 3.88 12.65
C VAL B 177 -6.38 5.03 11.75
N MSE B 178 -7.36 5.65 11.10
CA MSE B 178 -7.10 6.73 10.16
C MSE B 178 -7.73 8.01 10.71
O MSE B 178 -8.68 7.95 11.48
CB MSE B 178 -7.74 6.41 8.80
CG MSE B 178 -7.21 5.12 8.13
SE MSE B 178 -8.08 4.79 6.40
CE MSE B 178 -7.48 6.39 5.46
N HIS B 179 -7.21 9.16 10.30
CA HIS B 179 -7.88 10.41 10.64
C HIS B 179 -9.33 10.39 10.11
N SER B 180 -9.51 9.83 8.92
CA SER B 180 -10.84 9.69 8.30
C SER B 180 -10.86 8.45 7.41
N TYR B 181 -11.64 7.44 7.81
CA TYR B 181 -11.72 6.17 7.09
C TYR B 181 -12.57 6.30 5.83
N HIS B 182 -11.97 6.83 4.78
CA HIS B 182 -12.60 6.93 3.46
C HIS B 182 -14.05 7.41 3.54
N SER B 183 -14.99 6.66 2.95
CA SER B 183 -16.39 7.07 2.91
C SER B 183 -17.01 7.07 4.30
N LEU B 184 -16.76 5.99 5.06
CA LEU B 184 -17.34 5.83 6.40
C LEU B 184 -16.95 6.98 7.34
N GLY B 185 -15.65 7.27 7.40
CA GLY B 185 -15.14 8.37 8.21
C GLY B 185 -15.60 9.74 7.77
N ARG B 186 -15.71 9.96 6.46
CA ARG B 186 -16.19 11.23 5.94
C ARG B 186 -17.62 11.52 6.41
N VAL B 187 -18.49 10.51 6.37
CA VAL B 187 -19.87 10.71 6.77
C VAL B 187 -19.98 10.95 8.28
N LEU B 188 -19.20 10.19 9.04
CA LEU B 188 -19.20 10.32 10.50
C LEU B 188 -18.74 11.72 10.92
N ARG B 189 -17.65 12.19 10.33
CA ARG B 189 -17.16 13.55 10.59
C ARG B 189 -18.17 14.62 10.16
N ASP B 190 -18.68 14.49 8.94
CA ASP B 190 -19.62 15.48 8.38
C ASP B 190 -20.94 15.53 9.14
N ALA B 191 -21.38 14.39 9.69
CA ALA B 191 -22.60 14.34 10.48
C ALA B 191 -22.46 14.92 11.89
N GLY B 192 -21.22 15.19 12.30
CA GLY B 192 -20.95 15.89 13.56
C GLY B 192 -20.66 15.01 14.75
N PHE B 193 -20.39 13.73 14.51
CA PHE B 193 -20.03 12.81 15.58
C PHE B 193 -18.66 13.15 16.15
N ARG B 194 -18.42 12.78 17.39
CA ARG B 194 -17.11 12.95 18.01
C ARG B 194 -16.32 11.65 17.97
N PHE B 195 -14.99 11.75 18.03
CA PHE B 195 -14.10 10.60 17.90
C PHE B 195 -13.19 10.48 19.13
N PRO B 196 -12.62 9.29 19.38
CA PRO B 196 -11.64 9.14 20.47
C PRO B 196 -10.46 10.13 20.33
N PRO B 197 -9.88 10.56 21.48
CA PRO B 197 -8.81 11.56 21.50
C PRO B 197 -7.66 11.25 20.55
N LEU B 198 -7.30 9.98 20.45
CA LEU B 198 -6.20 9.54 19.60
C LEU B 198 -6.38 9.87 18.12
N ILE B 199 -7.62 9.74 17.62
CA ILE B 199 -7.92 9.95 16.21
C ILE B 199 -7.77 11.42 15.81
N GLU B 200 -8.25 12.31 16.67
CA GLU B 200 -8.19 13.73 16.43
C GLU B 200 -6.75 14.25 16.38
N SER B 201 -5.83 13.48 16.95
CA SER B 201 -4.41 13.79 16.95
C SER B 201 -3.69 13.41 15.64
N ILE B 202 -4.31 12.54 14.84
CA ILE B 202 -3.73 12.10 13.57
C ILE B 202 -3.85 13.22 12.53
N PRO B 203 -2.74 13.57 11.86
CA PRO B 203 -2.82 14.60 10.83
C PRO B 203 -3.77 14.20 9.70
N GLU B 204 -4.37 15.20 9.06
CA GLU B 204 -5.30 14.95 7.96
C GLU B 204 -4.63 14.13 6.85
N GLY B 205 -5.34 13.12 6.35
CA GLY B 205 -4.83 12.21 5.34
C GLY B 205 -3.91 11.14 5.91
N GLY B 206 -3.71 11.17 7.22
CA GLY B 206 -2.78 10.28 7.89
C GLY B 206 -3.43 9.07 8.51
N ARG B 207 -2.59 8.17 9.01
CA ARG B 207 -3.04 6.99 9.72
C ARG B 207 -1.96 6.53 10.69
N MSE B 208 -2.34 5.61 11.59
CA MSE B 208 -1.39 5.06 12.55
C MSE B 208 -1.79 3.68 13.04
O MSE B 208 -2.97 3.37 13.16
CB MSE B 208 -1.21 6.00 13.75
CG MSE B 208 -2.46 6.24 14.57
SE MSE B 208 -2.09 7.30 16.18
CE MSE B 208 -1.14 8.78 15.36
N ASP B 209 -0.78 2.87 13.34
CA ASP B 209 -1.00 1.58 13.99
C ASP B 209 -0.91 1.79 15.50
N VAL B 210 -1.79 1.13 16.23
CA VAL B 210 -1.77 1.16 17.68
C VAL B 210 -1.71 -0.27 18.20
N SER B 211 -1.06 -0.44 19.35
CA SER B 211 -0.94 -1.74 19.95
C SER B 211 -2.30 -2.29 20.36
N ALA B 212 -2.49 -3.58 20.16
CA ALA B 212 -3.68 -4.30 20.60
C ALA B 212 -4.03 -4.04 22.07
N GLU B 213 -2.99 -3.82 22.89
CA GLU B 213 -3.13 -3.55 24.33
C GLU B 213 -3.84 -2.22 24.58
N ARG B 214 -3.83 -1.37 23.57
CA ARG B 214 -4.35 -0.01 23.69
C ARG B 214 -5.77 0.13 23.14
N LEU B 215 -6.40 -1.01 22.86
CA LEU B 215 -7.80 -1.04 22.42
C LEU B 215 -8.74 -0.12 23.20
N PRO B 216 -8.67 -0.11 24.56
CA PRO B 216 -9.52 0.80 25.34
C PRO B 216 -9.51 2.26 24.91
N GLU B 217 -8.36 2.76 24.44
CA GLU B 217 -8.24 4.15 23.97
C GLU B 217 -9.02 4.40 22.69
N LEU B 218 -9.48 3.33 22.06
CA LEU B 218 -10.23 3.42 20.81
C LEU B 218 -11.72 3.16 21.02
N ASP B 219 -12.10 2.96 22.28
CA ASP B 219 -13.49 2.71 22.65
C ASP B 219 -14.31 3.98 22.43
N ALA B 220 -15.60 3.79 22.13
CA ALA B 220 -16.52 4.89 21.94
C ALA B 220 -17.92 4.35 22.19
N ASP B 221 -18.93 5.21 22.08
CA ASP B 221 -20.31 4.75 22.17
C ASP B 221 -20.58 3.66 21.14
N PHE B 222 -20.13 3.89 19.90
CA PHE B 222 -20.21 2.87 18.84
C PHE B 222 -18.84 2.67 18.20
N VAL B 223 -18.48 1.42 17.96
CA VAL B 223 -17.24 1.10 17.25
C VAL B 223 -17.57 0.42 15.93
N PHE B 224 -17.04 0.98 14.84
CA PHE B 224 -17.28 0.48 13.49
C PHE B 224 -16.02 -0.21 12.98
N ALA B 225 -16.22 -1.27 12.21
CA ALA B 225 -15.13 -1.94 11.48
C ALA B 225 -15.66 -2.43 10.14
N THR B 226 -14.77 -2.86 9.25
CA THR B 226 -15.21 -3.31 7.94
C THR B 226 -14.72 -4.72 7.63
N TRP B 227 -15.49 -5.43 6.79
CA TRP B 227 -15.16 -6.79 6.39
C TRP B 227 -15.10 -6.87 4.87
N ARG B 228 -14.13 -7.61 4.34
CA ARG B 228 -13.95 -7.73 2.90
C ARG B 228 -14.81 -8.87 2.36
N GLY B 229 -15.73 -8.53 1.46
CA GLY B 229 -16.64 -9.52 0.87
C GLY B 229 -16.51 -9.76 -0.62
N ASP B 230 -15.65 -8.99 -1.28
CA ASP B 230 -15.50 -9.11 -2.74
C ASP B 230 -14.80 -10.42 -3.17
N THR B 231 -14.20 -11.12 -2.21
CA THR B 231 -13.53 -12.39 -2.52
C THR B 231 -14.10 -13.57 -1.71
N GLY B 232 -15.40 -13.51 -1.43
CA GLY B 232 -16.10 -14.60 -0.76
C GLY B 232 -16.08 -14.54 0.75
N GLY B 233 -15.47 -13.49 1.29
CA GLY B 233 -15.38 -13.28 2.73
C GLY B 233 -16.72 -12.94 3.35
N LYS B 234 -16.81 -13.13 4.66
CA LYS B 234 -18.03 -12.83 5.42
C LYS B 234 -17.67 -12.06 6.70
N PRO B 235 -18.66 -11.39 7.31
CA PRO B 235 -18.41 -10.63 8.55
C PRO B 235 -17.73 -11.46 9.64
N GLN B 236 -18.13 -12.73 9.80
CA GLN B 236 -17.54 -13.60 10.82
C GLN B 236 -16.03 -13.79 10.63
N ASP B 237 -15.57 -13.68 9.39
CA ASP B 237 -14.14 -13.77 9.09
C ASP B 237 -13.36 -12.62 9.73
N GLU B 238 -13.97 -11.44 9.77
CA GLU B 238 -13.34 -10.29 10.43
C GLU B 238 -13.31 -10.44 11.95
N LEU B 239 -14.35 -11.05 12.52
CA LEU B 239 -14.36 -11.34 13.94
C LEU B 239 -13.24 -12.32 14.32
N ALA B 240 -13.05 -13.34 13.50
CA ALA B 240 -11.97 -14.31 13.66
C ALA B 240 -10.60 -13.64 13.67
N THR B 241 -10.41 -12.65 12.80
CA THR B 241 -9.17 -11.89 12.72
C THR B 241 -8.88 -11.10 14.00
N MSE B 242 -9.90 -10.44 14.52
CA MSE B 242 -9.79 -9.68 15.77
C MSE B 242 -9.41 -10.57 16.94
O MSE B 242 -8.62 -10.17 17.80
CB MSE B 242 -11.09 -8.92 16.08
CG MSE B 242 -11.29 -7.65 15.28
SE MSE B 242 -9.90 -6.32 15.59
CE MSE B 242 -10.05 -6.08 17.53
N GLU B 243 -9.97 -11.78 16.98
CA GLU B 243 -9.70 -12.74 18.05
C GLU B 243 -8.24 -13.19 18.05
N LYS B 244 -7.62 -13.18 16.87
CA LYS B 244 -6.20 -13.48 16.72
C LYS B 244 -5.32 -12.29 17.13
N VAL B 245 -5.79 -11.08 16.86
CA VAL B 245 -5.13 -9.86 17.30
C VAL B 245 -5.06 -9.85 18.84
N MSE B 246 -6.21 -10.13 19.46
CA MSE B 246 -6.33 -10.15 20.91
CA MSE B 246 -6.33 -10.14 20.91
C MSE B 246 -7.43 -11.11 21.35
O MSE B 246 -8.62 -10.84 21.12
CB MSE B 246 -6.58 -8.73 21.45
CB MSE B 246 -6.62 -8.73 21.43
CG MSE B 246 -7.01 -8.67 22.90
CG MSE B 246 -6.89 -8.64 22.93
SE MSE B 246 -6.74 -6.90 23.65
SE MSE B 246 -5.31 -8.97 24.02
CE MSE B 246 -4.83 -7.05 23.97
CE MSE B 246 -4.36 -7.31 23.68
N PRO B 247 -7.05 -12.24 21.98
CA PRO B 247 -8.09 -13.13 22.49
C PRO B 247 -8.96 -12.40 23.51
N GLY B 248 -10.27 -12.50 23.35
CA GLY B 248 -11.21 -11.81 24.25
C GLY B 248 -11.23 -10.31 24.07
N TRP B 249 -10.83 -9.83 22.89
CA TRP B 249 -10.75 -8.40 22.56
C TRP B 249 -12.04 -7.65 22.88
N CYS B 250 -13.16 -8.35 22.75
CA CYS B 250 -14.48 -7.80 22.99
C CYS B 250 -14.63 -7.17 24.37
N GLN B 251 -14.05 -7.83 25.38
CA GLN B 251 -14.15 -7.35 26.77
C GLN B 251 -13.37 -6.05 27.03
N PHE B 252 -12.47 -5.70 26.12
CA PHE B 252 -11.66 -4.48 26.26
C PHE B 252 -12.33 -3.24 25.68
N LEU B 253 -13.46 -3.44 25.01
CA LEU B 253 -14.26 -2.35 24.46
C LEU B 253 -15.66 -2.40 25.06
N THR B 254 -16.09 -1.31 25.73
CA THR B 254 -17.46 -1.26 26.26
C THR B 254 -18.48 -1.34 25.12
N ALA B 255 -18.13 -0.77 23.97
CA ALA B 255 -18.98 -0.81 22.77
C ALA B 255 -19.28 -2.25 22.34
N CYS B 256 -18.25 -3.08 22.29
N CYS B 256 -18.24 -3.08 22.29
CA CYS B 256 -18.42 -4.48 21.87
CA CYS B 256 -18.38 -4.49 21.90
C CYS B 256 -19.18 -5.28 22.93
C CYS B 256 -19.17 -5.29 22.93
N ARG B 257 -18.80 -5.12 24.20
CA ARG B 257 -19.48 -5.78 25.32
C ARG B 257 -20.98 -5.54 25.35
N SER B 258 -21.39 -4.32 25.00
CA SER B 258 -22.79 -3.91 25.07
C SER B 258 -23.54 -3.99 23.74
N GLY B 259 -22.93 -4.61 22.73
CA GLY B 259 -23.61 -4.82 21.44
C GLY B 259 -23.65 -3.60 20.53
N ARG B 260 -22.65 -2.73 20.63
CA ARG B 260 -22.56 -1.55 19.79
C ARG B 260 -21.33 -1.58 18.87
N TYR B 261 -20.94 -2.78 18.48
CA TYR B 261 -19.87 -3.00 17.51
C TYR B 261 -20.49 -3.35 16.16
N VAL B 262 -20.17 -2.54 15.16
CA VAL B 262 -20.86 -2.60 13.87
C VAL B 262 -19.89 -2.93 12.73
N LEU B 263 -20.20 -3.97 11.96
CA LEU B 263 -19.40 -4.36 10.80
C LEU B 263 -20.06 -3.93 9.48
N ILE B 264 -19.29 -3.20 8.67
CA ILE B 264 -19.76 -2.63 7.41
C ILE B 264 -18.97 -3.26 6.27
N SER B 265 -19.62 -3.51 5.14
CA SER B 265 -18.93 -4.03 3.96
C SER B 265 -17.84 -3.06 3.48
N ARG B 266 -16.62 -3.58 3.37
CA ARG B 266 -15.44 -2.75 3.13
C ARG B 266 -15.41 -2.11 1.74
N GLU B 267 -15.81 -2.88 0.73
CA GLU B 267 -15.74 -2.38 -0.65
C GLU B 267 -16.45 -1.04 -0.79
N GLU B 268 -17.66 -0.95 -0.25
CA GLU B 268 -18.41 0.30 -0.28
C GLU B 268 -17.80 1.36 0.66
N ALA B 269 -17.32 0.91 1.82
CA ALA B 269 -16.77 1.82 2.82
C ALA B 269 -15.50 2.54 2.36
N ILE B 270 -14.70 1.89 1.52
CA ILE B 270 -13.43 2.50 1.06
C ILE B 270 -13.53 3.24 -0.29
N SER B 271 -14.73 3.27 -0.85
CA SER B 271 -14.96 3.90 -2.15
C SER B 271 -14.90 5.42 -2.05
N ASN B 272 -14.48 6.09 -3.13
CA ASN B 272 -14.54 7.55 -3.17
C ASN B 272 -15.92 8.09 -3.59
N SER B 273 -16.86 7.18 -3.86
CA SER B 273 -18.09 7.51 -4.56
C SER B 273 -19.15 8.23 -3.73
N PHE B 274 -19.98 9.01 -4.41
CA PHE B 274 -21.19 9.56 -3.81
C PHE B 274 -22.19 8.47 -3.45
N ALA B 275 -22.23 7.42 -4.26
CA ALA B 275 -23.08 6.26 -3.98
C ALA B 275 -22.76 5.72 -2.59
N SER B 276 -21.47 5.55 -2.32
CA SER B 276 -21.00 5.01 -1.04
C SER B 276 -21.34 5.90 0.14
N LEU B 277 -21.24 7.22 -0.04
CA LEU B 277 -21.60 8.15 1.02
C LEU B 277 -23.04 7.94 1.48
N GLY B 278 -23.94 7.75 0.53
CA GLY B 278 -25.35 7.48 0.84
C GLY B 278 -25.56 6.18 1.58
N LEU B 279 -24.85 5.15 1.13
CA LEU B 279 -24.88 3.84 1.77
C LEU B 279 -24.36 3.92 3.20
N MSE B 280 -23.31 4.72 3.40
CA MSE B 280 -22.73 4.91 4.73
C MSE B 280 -23.74 5.61 5.65
O MSE B 280 -23.99 5.15 6.76
CB MSE B 280 -21.42 5.71 4.68
CG MSE B 280 -20.21 4.99 4.05
SE MSE B 280 -19.91 3.16 4.69
CE MSE B 280 -20.77 2.22 3.21
N ALA B 281 -24.32 6.71 5.15
CA ALA B 281 -25.28 7.49 5.94
C ALA B 281 -26.48 6.65 6.41
N ALA B 282 -27.04 5.83 5.51
CA ALA B 282 -28.20 4.99 5.84
C ALA B 282 -27.86 3.97 6.92
N GLN B 283 -26.69 3.35 6.78
CA GLN B 283 -26.25 2.33 7.72
C GLN B 283 -25.93 2.94 9.08
N ILE B 284 -25.25 4.08 9.08
CA ILE B 284 -24.97 4.81 10.33
C ILE B 284 -26.29 5.16 11.05
N GLN B 285 -27.23 5.71 10.29
CA GLN B 285 -28.53 6.10 10.83
C GLN B 285 -29.24 4.96 11.58
N SER B 286 -29.47 3.84 10.90
CA SER B 286 -30.22 2.75 11.52
C SER B 286 -29.42 1.95 12.55
N GLN B 287 -28.10 1.86 12.37
CA GLN B 287 -27.26 1.17 13.36
C GLN B 287 -27.20 1.91 14.70
N ILE B 288 -27.11 3.24 14.64
CA ILE B 288 -26.98 4.03 15.87
C ILE B 288 -28.33 4.36 16.49
N ALA B 289 -29.29 4.75 15.66
CA ALA B 289 -30.57 5.26 16.13
C ALA B 289 -31.74 4.28 15.96
N GLY B 290 -31.55 3.21 15.20
CA GLY B 290 -32.64 2.30 14.89
C GLY B 290 -32.45 0.85 15.30
N ARG B 291 -31.68 0.63 16.35
CA ARG B 291 -31.44 -0.72 16.83
C ARG B 291 -31.49 -0.72 18.36
N PRO B 292 -32.71 -0.69 18.94
CA PRO B 292 -32.83 -0.66 20.41
C PRO B 292 -32.44 -2.00 21.02
N LEU B 293 -31.62 -1.96 22.06
CA LEU B 293 -31.15 -3.20 22.70
C LEU B 293 -31.77 -3.38 24.09
N PRO B 294 -32.08 -4.65 24.47
CA PRO B 294 -32.73 -4.93 25.75
C PRO B 294 -31.85 -4.63 26.95
N GLU C 1 8.26 -35.05 -5.81
CA GLU C 1 7.19 -34.04 -5.53
C GLU C 1 6.75 -34.03 -4.05
N PRO C 2 7.71 -34.13 -3.12
CA PRO C 2 7.30 -34.06 -1.70
C PRO C 2 6.77 -32.67 -1.35
N VAL C 3 5.94 -32.60 -0.31
CA VAL C 3 5.33 -31.34 0.13
C VAL C 3 5.59 -31.05 1.62
N GLN C 4 5.15 -29.87 2.07
CA GLN C 4 5.17 -29.50 3.48
C GLN C 4 3.95 -28.61 3.75
N VAL C 5 3.46 -28.62 4.97
CA VAL C 5 2.37 -27.73 5.35
C VAL C 5 2.97 -26.50 6.04
N PHE C 6 2.70 -25.34 5.47
CA PHE C 6 3.24 -24.06 5.96
C PHE C 6 2.08 -23.20 6.48
N THR C 7 2.28 -22.55 7.63
CA THR C 7 1.30 -21.59 8.13
C THR C 7 1.82 -20.18 7.88
N ASP C 8 1.12 -19.44 7.02
CA ASP C 8 1.57 -18.11 6.63
C ASP C 8 1.16 -17.04 7.64
N ASP C 9 1.46 -15.78 7.33
CA ASP C 9 1.24 -14.71 8.31
C ASP C 9 -0.22 -14.24 8.39
N LEU C 10 -1.06 -14.79 7.53
CA LEU C 10 -2.51 -14.61 7.64
C LEU C 10 -3.14 -15.74 8.44
N GLY C 11 -2.29 -16.69 8.85
CA GLY C 11 -2.73 -17.90 9.54
C GLY C 11 -3.30 -18.96 8.62
N ARG C 12 -3.12 -18.77 7.32
CA ARG C 12 -3.58 -19.74 6.33
C ARG C 12 -2.69 -20.97 6.32
N LYS C 13 -3.30 -22.14 6.12
CA LYS C 13 -2.52 -23.37 5.94
C LYS C 13 -2.29 -23.58 4.45
N VAL C 14 -1.04 -23.85 4.07
CA VAL C 14 -0.69 -23.97 2.65
C VAL C 14 0.18 -25.19 2.40
N THR C 15 -0.24 -26.00 1.44
CA THR C 15 0.53 -27.14 0.99
C THR C 15 1.52 -26.67 -0.06
N VAL C 16 2.80 -26.66 0.30
CA VAL C 16 3.84 -26.12 -0.56
C VAL C 16 4.86 -27.20 -0.91
N PRO C 17 5.54 -27.07 -2.07
CA PRO C 17 6.61 -28.02 -2.39
C PRO C 17 7.68 -28.02 -1.33
N ALA C 18 8.30 -29.18 -1.07
CA ALA C 18 9.45 -29.25 -0.18
C ALA C 18 10.61 -28.43 -0.78
N HIS C 19 10.75 -28.53 -2.10
CA HIS C 19 11.78 -27.81 -2.84
C HIS C 19 11.16 -27.16 -4.07
N PRO C 20 10.60 -25.94 -3.92
CA PRO C 20 9.95 -25.23 -5.02
C PRO C 20 10.96 -24.82 -6.10
N LYS C 21 10.58 -25.02 -7.36
CA LYS C 21 11.48 -24.73 -8.48
C LYS C 21 11.11 -23.45 -9.23
N ARG C 22 9.82 -23.11 -9.19
CA ARG C 22 9.30 -21.96 -9.93
C ARG C 22 8.51 -21.04 -8.98
N ILE C 23 9.22 -20.08 -8.38
CA ILE C 23 8.61 -19.19 -7.40
C ILE C 23 8.24 -17.85 -8.04
N VAL C 24 7.04 -17.36 -7.71
CA VAL C 24 6.61 -16.03 -8.15
C VAL C 24 6.58 -15.13 -6.92
N SER C 25 7.26 -13.99 -7.02
CA SER C 25 7.35 -13.02 -5.93
C SER C 25 6.60 -11.72 -6.22
N LEU C 26 5.76 -11.29 -5.28
CA LEU C 26 5.03 -10.02 -5.42
C LEU C 26 5.65 -8.84 -4.68
N HIS C 27 6.93 -8.94 -4.30
CA HIS C 27 7.60 -7.80 -3.68
C HIS C 27 9.09 -7.83 -3.99
N ASP C 28 9.57 -6.83 -4.74
CA ASP C 28 10.96 -6.81 -5.15
C ASP C 28 11.92 -6.71 -3.97
N LEU C 29 11.69 -5.74 -3.10
CA LEU C 29 12.62 -5.42 -2.00
C LEU C 29 12.75 -6.50 -0.93
N ASP C 30 11.63 -7.11 -0.54
CA ASP C 30 11.59 -7.94 0.66
C ASP C 30 11.26 -9.41 0.41
N ILE C 31 10.97 -9.76 -0.84
CA ILE C 31 10.82 -11.18 -1.19
C ILE C 31 11.83 -11.58 -2.26
N THR C 32 11.88 -10.83 -3.36
CA THR C 32 12.77 -11.16 -4.47
C THR C 32 14.24 -11.07 -4.09
N ILE C 33 14.65 -9.96 -3.48
CA ILE C 33 16.05 -9.85 -3.05
C ILE C 33 16.47 -10.95 -2.07
N PRO C 34 15.69 -11.18 -0.98
CA PRO C 34 15.97 -12.33 -0.12
C PRO C 34 16.06 -13.69 -0.82
N LEU C 35 15.14 -13.99 -1.75
CA LEU C 35 15.21 -15.22 -2.53
C LEU C 35 16.51 -15.33 -3.32
N ILE C 36 16.93 -14.23 -3.94
CA ILE C 36 18.22 -14.18 -4.64
C ILE C 36 19.36 -14.48 -3.66
N GLU C 37 19.32 -13.83 -2.49
CA GLU C 37 20.37 -14.01 -1.48
CA GLU C 37 20.35 -14.02 -1.45
C GLU C 37 20.45 -15.45 -0.96
N LEU C 38 19.32 -16.13 -0.89
CA LEU C 38 19.25 -17.52 -0.46
C LEU C 38 19.60 -18.54 -1.55
N GLY C 39 19.81 -18.05 -2.77
CA GLY C 39 20.22 -18.89 -3.89
C GLY C 39 19.05 -19.54 -4.63
N VAL C 40 17.86 -19.00 -4.41
CA VAL C 40 16.64 -19.51 -5.05
C VAL C 40 15.83 -18.39 -5.72
N PRO C 41 16.39 -17.77 -6.79
CA PRO C 41 15.68 -16.65 -7.41
C PRO C 41 14.32 -17.06 -7.98
N PRO C 42 13.35 -16.13 -7.98
CA PRO C 42 12.03 -16.42 -8.52
C PRO C 42 12.06 -16.41 -10.04
N VAL C 43 11.03 -16.98 -10.67
CA VAL C 43 10.91 -16.97 -12.13
C VAL C 43 10.23 -15.68 -12.63
N ALA C 44 9.59 -14.97 -11.69
CA ALA C 44 8.83 -13.75 -11.97
C ALA C 44 8.78 -12.88 -10.73
N SER C 45 8.81 -11.57 -10.93
CA SER C 45 8.84 -10.66 -9.80
C SER C 45 8.16 -9.32 -10.06
N HIS C 46 7.49 -8.83 -9.02
CA HIS C 46 7.17 -7.40 -8.88
C HIS C 46 8.43 -6.55 -9.14
N GLY C 47 8.23 -5.37 -9.72
CA GLY C 47 9.36 -4.50 -10.02
C GLY C 47 8.89 -3.08 -10.23
N ARG C 48 9.82 -2.22 -10.62
CA ARG C 48 9.52 -0.81 -10.81
C ARG C 48 9.66 -0.45 -12.27
N THR C 49 9.23 0.76 -12.62
CA THR C 49 9.35 1.26 -13.97
C THR C 49 9.95 2.66 -13.98
N ARG C 50 10.98 2.85 -14.82
CA ARG C 50 11.60 4.15 -15.02
C ARG C 50 10.72 5.02 -15.94
N PRO C 51 10.96 6.35 -15.94
CA PRO C 51 10.26 7.26 -16.87
C PRO C 51 10.29 6.81 -18.33
N ASP C 52 11.40 6.21 -18.77
CA ASP C 52 11.53 5.73 -20.16
C ASP C 52 10.81 4.40 -20.42
N GLY C 53 10.24 3.83 -19.37
CA GLY C 53 9.45 2.60 -19.49
C GLY C 53 10.21 1.30 -19.24
N SER C 54 11.51 1.39 -18.98
CA SER C 54 12.31 0.20 -18.67
C SER C 54 11.99 -0.24 -17.25
N HIS C 55 12.21 -1.52 -16.96
CA HIS C 55 11.85 -2.08 -15.67
C HIS C 55 13.07 -2.50 -14.86
N PHE C 56 12.95 -2.40 -13.54
CA PHE C 56 14.01 -2.80 -12.63
C PHE C 56 13.46 -3.33 -11.30
N ILE C 57 14.21 -4.27 -10.73
CA ILE C 57 13.97 -4.74 -9.38
C ILE C 57 14.55 -3.67 -8.46
N ARG C 58 13.70 -3.05 -7.64
CA ARG C 58 14.18 -1.98 -6.77
C ARG C 58 15.30 -2.51 -5.88
N SER C 59 16.44 -1.81 -5.93
CA SER C 59 17.64 -2.16 -5.16
C SER C 59 18.28 -3.49 -5.57
N GLY C 60 17.80 -4.11 -6.64
CA GLY C 60 18.27 -5.46 -7.02
C GLY C 60 19.73 -5.50 -7.43
N ALA C 61 20.09 -4.68 -8.42
CA ALA C 61 21.46 -4.60 -8.89
C ALA C 61 22.39 -4.12 -7.77
N LEU C 62 21.93 -3.12 -7.02
CA LEU C 62 22.70 -2.52 -5.94
C LEU C 62 23.00 -3.48 -4.80
N LEU C 63 22.04 -4.36 -4.47
CA LEU C 63 22.18 -5.27 -3.32
C LEU C 63 22.60 -6.72 -3.64
N THR C 64 22.43 -7.14 -4.88
CA THR C 64 22.69 -8.53 -5.27
C THR C 64 23.44 -8.71 -6.60
N GLY C 65 23.55 -7.63 -7.39
CA GLY C 65 24.06 -7.71 -8.76
C GLY C 65 23.10 -8.36 -9.75
N VAL C 66 21.85 -8.58 -9.32
CA VAL C 66 20.86 -9.26 -10.16
C VAL C 66 19.69 -8.31 -10.45
N ASP C 67 19.36 -8.16 -11.73
CA ASP C 67 18.22 -7.35 -12.17
C ASP C 67 17.51 -8.06 -13.34
N PHE C 68 16.42 -7.49 -13.82
CA PHE C 68 15.68 -8.09 -14.94
C PHE C 68 16.56 -8.26 -16.17
N ASP C 69 17.50 -7.34 -16.37
CA ASP C 69 18.31 -7.32 -17.60
C ASP C 69 19.50 -8.28 -17.64
N ASN C 70 19.81 -8.91 -16.50
CA ASN C 70 20.87 -9.92 -16.48
C ASN C 70 20.43 -11.25 -15.86
N SER C 71 19.12 -11.46 -15.82
CA SER C 71 18.56 -12.68 -15.24
C SER C 71 17.41 -13.19 -16.10
N SER C 72 16.88 -14.36 -15.73
CA SER C 72 15.68 -14.90 -16.37
C SER C 72 14.41 -14.54 -15.60
N ILE C 73 14.52 -13.63 -14.64
CA ILE C 73 13.36 -13.19 -13.85
C ILE C 73 12.44 -12.29 -14.67
N ALA C 74 11.18 -12.70 -14.82
CA ALA C 74 10.18 -11.92 -15.56
C ALA C 74 9.56 -10.81 -14.71
N PHE C 75 9.43 -9.62 -15.30
CA PHE C 75 8.71 -8.51 -14.65
C PHE C 75 7.20 -8.72 -14.76
N ILE C 76 6.49 -8.65 -13.63
CA ILE C 76 5.04 -8.89 -13.63
C ILE C 76 4.19 -7.75 -13.04
N GLY C 77 4.74 -6.54 -12.96
CA GLY C 77 3.95 -5.39 -12.59
C GLY C 77 4.49 -4.61 -11.41
N THR C 78 3.95 -3.40 -11.23
CA THR C 78 4.35 -2.50 -10.14
C THR C 78 3.23 -2.37 -9.10
N ALA C 79 2.31 -1.41 -9.27
CA ALA C 79 1.20 -1.25 -8.31
C ALA C 79 0.14 -2.35 -8.41
N ASP C 80 -0.13 -2.79 -9.64
CA ASP C 80 -1.05 -3.90 -9.88
C ASP C 80 -0.30 -5.04 -10.55
N ILE C 81 -0.44 -6.25 -10.02
CA ILE C 81 0.26 -7.39 -10.59
C ILE C 81 -0.45 -7.93 -11.84
N ASP C 82 0.34 -8.54 -12.73
CA ASP C 82 -0.16 -9.12 -13.96
C ASP C 82 -0.54 -10.58 -13.73
N ILE C 83 -1.82 -10.80 -13.45
CA ILE C 83 -2.34 -12.13 -13.16
C ILE C 83 -2.06 -13.13 -14.29
N GLU C 84 -2.33 -12.69 -15.53
CA GLU C 84 -2.09 -13.54 -16.70
C GLU C 84 -0.63 -13.97 -16.81
N ALA C 85 0.29 -13.05 -16.50
CA ALA C 85 1.73 -13.34 -16.51
C ALA C 85 2.13 -14.32 -15.40
N ILE C 86 1.48 -14.21 -14.24
CA ILE C 86 1.70 -15.16 -13.15
C ILE C 86 1.26 -16.57 -13.56
N VAL C 87 0.08 -16.67 -14.16
CA VAL C 87 -0.41 -17.96 -14.66
C VAL C 87 0.57 -18.57 -15.67
N ALA C 88 1.01 -17.76 -16.63
CA ALA C 88 1.93 -18.19 -17.68
C ALA C 88 3.32 -18.58 -17.15
N ALA C 89 3.69 -18.06 -15.98
CA ALA C 89 4.97 -18.41 -15.34
C ALA C 89 4.95 -19.83 -14.78
N LYS C 90 3.77 -20.43 -14.70
CA LYS C 90 3.57 -21.78 -14.16
C LYS C 90 4.27 -21.97 -12.81
N PRO C 91 3.88 -21.17 -11.80
CA PRO C 91 4.59 -21.27 -10.52
C PRO C 91 4.23 -22.55 -9.76
N ASP C 92 5.14 -23.02 -8.91
CA ASP C 92 4.76 -24.04 -7.94
C ASP C 92 4.58 -23.41 -6.55
N LEU C 93 4.90 -22.12 -6.46
CA LEU C 93 4.74 -21.35 -5.23
C LEU C 93 4.64 -19.86 -5.56
N ILE C 94 3.65 -19.20 -4.96
CA ILE C 94 3.53 -17.75 -5.04
C ILE C 94 3.72 -17.16 -3.65
N ILE C 95 4.56 -16.13 -3.55
CA ILE C 95 4.81 -15.49 -2.27
C ILE C 95 4.36 -14.04 -2.37
N THR C 96 3.41 -13.68 -1.52
CA THR C 96 2.87 -12.33 -1.52
C THR C 96 3.01 -11.71 -0.14
N GLU C 97 2.48 -10.50 0.02
CA GLU C 97 2.49 -9.82 1.32
C GLU C 97 1.13 -9.16 1.54
N PRO C 98 0.70 -9.03 2.81
CA PRO C 98 -0.66 -8.61 3.17
C PRO C 98 -1.15 -7.27 2.60
N THR C 99 -0.24 -6.38 2.21
CA THR C 99 -0.63 -5.04 1.73
C THR C 99 -0.72 -4.88 0.19
N ARG C 100 -0.49 -5.97 -0.55
CA ARG C 100 -0.70 -5.97 -2.01
C ARG C 100 -2.17 -5.69 -2.38
N ASN C 101 -2.39 -5.10 -3.55
CA ASN C 101 -3.73 -4.85 -4.07
C ASN C 101 -4.48 -6.15 -4.43
N THR C 102 -3.75 -7.09 -5.03
CA THR C 102 -4.32 -8.38 -5.44
C THR C 102 -4.64 -9.28 -4.23
N PRO C 103 -5.90 -9.71 -4.10
CA PRO C 103 -6.38 -10.50 -2.97
C PRO C 103 -5.77 -11.89 -3.00
N ILE C 104 -5.49 -12.45 -1.82
CA ILE C 104 -4.90 -13.77 -1.72
C ILE C 104 -5.82 -14.87 -2.24
N GLU C 105 -7.12 -14.64 -2.15
CA GLU C 105 -8.12 -15.56 -2.70
C GLU C 105 -8.01 -15.68 -4.22
N ARG C 106 -7.56 -14.61 -4.89
CA ARG C 106 -7.34 -14.65 -6.33
CA ARG C 106 -7.35 -14.65 -6.33
C ARG C 106 -6.08 -15.46 -6.67
N LEU C 107 -4.99 -15.17 -5.96
CA LEU C 107 -3.72 -15.85 -6.21
C LEU C 107 -3.79 -17.35 -5.93
N GLU C 108 -4.50 -17.74 -4.89
CA GLU C 108 -4.54 -19.14 -4.48
C GLU C 108 -5.23 -20.04 -5.51
N LYS C 109 -6.03 -19.44 -6.40
CA LYS C 109 -6.61 -20.13 -7.56
C LYS C 109 -5.55 -20.58 -8.58
N ILE C 110 -4.38 -19.95 -8.52
CA ILE C 110 -3.32 -20.20 -9.51
C ILE C 110 -2.37 -21.30 -9.04
N ALA C 111 -1.92 -21.20 -7.79
CA ALA C 111 -0.88 -22.08 -7.24
C ALA C 111 -0.85 -21.89 -5.72
N PRO C 112 -0.21 -22.83 -4.97
CA PRO C 112 -0.04 -22.61 -3.54
C PRO C 112 0.54 -21.21 -3.30
N THR C 113 -0.13 -20.43 -2.46
CA THR C 113 0.25 -19.04 -2.23
C THR C 113 0.43 -18.79 -0.74
N VAL C 114 1.51 -18.10 -0.37
CA VAL C 114 1.75 -17.77 1.03
C VAL C 114 1.91 -16.25 1.18
N SER C 115 1.32 -15.70 2.23
CA SER C 115 1.44 -14.27 2.52
C SER C 115 2.44 -14.09 3.66
N ILE C 116 3.46 -13.25 3.42
CA ILE C 116 4.51 -13.01 4.41
C ILE C 116 4.46 -11.55 4.86
N ASP C 117 4.40 -11.35 6.17
CA ASP C 117 4.44 -9.98 6.72
C ASP C 117 5.87 -9.46 6.65
N HIS C 118 6.16 -8.70 5.60
CA HIS C 118 7.52 -8.21 5.37
C HIS C 118 7.93 -7.07 6.32
N LEU C 119 6.99 -6.65 7.18
CA LEU C 119 7.20 -5.51 8.07
C LEU C 119 7.53 -5.93 9.50
N LYS C 120 7.47 -7.22 9.80
CA LYS C 120 7.76 -7.66 11.16
C LYS C 120 9.07 -8.40 11.26
N GLY C 121 9.96 -7.86 12.08
CA GLY C 121 11.20 -8.53 12.46
C GLY C 121 12.33 -8.42 11.47
N GLY C 122 12.09 -7.72 10.36
CA GLY C 122 13.14 -7.48 9.35
C GLY C 122 13.66 -8.76 8.70
N ALA C 123 14.84 -8.65 8.09
CA ALA C 123 15.43 -9.80 7.40
C ALA C 123 15.48 -11.10 8.23
N PRO C 124 15.95 -11.04 9.49
CA PRO C 124 16.03 -12.29 10.28
C PRO C 124 14.72 -13.08 10.32
N GLU C 125 13.59 -12.41 10.49
CA GLU C 125 12.30 -13.07 10.52
C GLU C 125 11.81 -13.47 9.13
N ILE C 126 11.93 -12.55 8.17
CA ILE C 126 11.54 -12.84 6.77
C ILE C 126 12.28 -14.06 6.22
N TYR C 127 13.61 -14.07 6.36
CA TYR C 127 14.43 -15.15 5.79
C TYR C 127 14.18 -16.49 6.48
N ARG C 128 13.84 -16.46 7.76
CA ARG C 128 13.51 -17.69 8.48
C ARG C 128 12.34 -18.40 7.80
N LYS C 129 11.32 -17.62 7.45
CA LYS C 129 10.15 -18.11 6.71
C LYS C 129 10.50 -18.55 5.28
N LEU C 130 11.19 -17.70 4.54
CA LEU C 130 11.61 -18.05 3.18
C LEU C 130 12.53 -19.28 3.12
N ALA C 131 13.45 -19.40 4.08
CA ALA C 131 14.36 -20.54 4.15
C ALA C 131 13.62 -21.85 4.39
N GLU C 132 12.58 -21.80 5.21
CA GLU C 132 11.72 -22.95 5.46
C GLU C 132 10.93 -23.33 4.19
N LEU C 133 10.43 -22.32 3.49
CA LEU C 133 9.68 -22.52 2.25
C LEU C 133 10.53 -23.16 1.14
N THR C 134 11.82 -22.84 1.12
CA THR C 134 12.67 -23.19 -0.03
C THR C 134 13.74 -24.23 0.27
N GLY C 135 13.85 -24.65 1.54
CA GLY C 135 14.85 -25.61 1.96
C GLY C 135 16.26 -25.04 1.99
N THR C 136 16.38 -23.74 2.26
CA THR C 136 17.68 -23.07 2.20
C THR C 136 18.22 -22.68 3.59
N GLN C 137 17.89 -23.50 4.58
CA GLN C 137 18.34 -23.27 5.97
C GLN C 137 19.86 -23.18 6.12
N SER C 138 20.61 -24.02 5.40
CA SER C 138 22.08 -23.98 5.46
CA SER C 138 22.08 -23.99 5.45
C SER C 138 22.61 -22.64 4.99
N GLN C 139 22.05 -22.12 3.89
CA GLN C 139 22.40 -20.78 3.39
C GLN C 139 22.06 -19.69 4.42
N LEU C 140 20.88 -19.81 5.03
CA LEU C 140 20.46 -18.86 6.08
C LEU C 140 21.43 -18.85 7.27
N ALA C 141 21.90 -20.03 7.67
CA ALA C 141 22.86 -20.15 8.78
C ALA C 141 24.12 -19.29 8.56
N ILE C 142 24.59 -19.27 7.32
CA ILE C 142 25.76 -18.46 6.96
C ILE C 142 25.44 -16.96 7.02
N LEU C 143 24.30 -16.58 6.46
CA LEU C 143 23.86 -15.17 6.49
C LEU C 143 23.66 -14.67 7.91
N GLU C 144 23.17 -15.56 8.78
CA GLU C 144 22.92 -15.21 10.18
C GLU C 144 24.21 -15.08 10.98
N ARG C 145 25.19 -15.91 10.65
CA ARG C 145 26.52 -15.79 11.25
C ARG C 145 27.15 -14.45 10.91
N ARG C 146 27.06 -14.04 9.64
CA ARG C 146 27.58 -12.74 9.24
C ARG C 146 26.91 -11.58 9.98
N TYR C 147 25.58 -11.64 10.11
CA TYR C 147 24.85 -10.61 10.85
C TYR C 147 25.27 -10.55 12.32
N GLN C 148 25.44 -11.71 12.93
CA GLN C 148 25.96 -11.78 14.29
C GLN C 148 27.31 -11.05 14.42
N ALA C 149 28.21 -11.29 13.46
CA ALA C 149 29.53 -10.63 13.44
C ALA C 149 29.41 -9.12 13.28
N GLN C 150 28.47 -8.67 12.44
CA GLN C 150 28.25 -7.23 12.24
C GLN C 150 27.74 -6.55 13.50
N ILE C 151 26.76 -7.18 14.14
CA ILE C 151 26.18 -6.65 15.38
C ILE C 151 27.24 -6.66 16.50
N ASN C 152 27.98 -7.75 16.62
CA ASN C 152 29.01 -7.84 17.65
C ASN C 152 30.08 -6.75 17.47
N ALA C 153 30.40 -6.45 16.21
CA ALA C 153 31.38 -5.42 15.88
C ALA C 153 30.90 -4.03 16.30
N LEU C 154 29.60 -3.77 16.13
CA LEU C 154 29.00 -2.54 16.63
C LEU C 154 29.00 -2.45 18.15
N LYS C 155 28.59 -3.53 18.80
CA LYS C 155 28.46 -3.58 20.26
C LYS C 155 29.82 -3.42 20.94
N ALA C 156 30.87 -3.88 20.25
CA ALA C 156 32.23 -3.82 20.77
C ALA C 156 32.81 -2.41 20.82
N THR C 157 32.32 -1.52 19.96
CA THR C 157 32.87 -0.17 19.86
C THR C 157 32.01 0.90 20.53
N LEU C 158 30.75 0.56 20.78
CA LEU C 158 29.76 1.54 21.23
C LEU C 158 29.04 1.08 22.48
N ASP C 159 28.91 1.97 23.46
CA ASP C 159 27.98 1.75 24.57
C ASP C 159 26.60 2.21 24.09
N SER C 160 26.03 1.42 23.18
CA SER C 160 24.80 1.76 22.48
C SER C 160 23.60 2.00 23.40
N GLN C 161 23.62 1.36 24.58
CA GLN C 161 22.54 1.50 25.55
C GLN C 161 22.38 2.95 26.00
N LYS C 162 23.47 3.72 25.86
CA LYS C 162 23.51 5.12 26.31
C LYS C 162 23.33 6.14 25.18
N ILE C 163 23.12 5.65 23.96
CA ILE C 163 22.98 6.53 22.79
C ILE C 163 21.58 6.38 22.23
N THR C 164 20.88 7.50 22.11
CA THR C 164 19.53 7.51 21.53
C THR C 164 19.59 7.82 20.04
N VAL C 165 18.73 7.15 19.28
CA VAL C 165 18.68 7.34 17.81
C VAL C 165 17.23 7.47 17.38
N SER C 166 17.03 8.04 16.20
CA SER C 166 15.69 8.22 15.64
C SER C 166 15.78 8.16 14.12
N VAL C 167 14.78 7.58 13.48
CA VAL C 167 14.69 7.58 12.02
C VAL C 167 13.38 8.29 11.64
N ILE C 168 13.48 9.30 10.77
CA ILE C 168 12.29 10.03 10.34
C ILE C 168 12.18 10.07 8.81
N GLN C 169 10.98 10.36 8.33
CA GLN C 169 10.74 10.48 6.91
C GLN C 169 9.62 11.48 6.65
N ALA C 170 9.89 12.43 5.75
CA ALA C 170 8.84 13.32 5.24
C ALA C 170 7.90 12.50 4.36
N ASN C 171 6.60 12.71 4.58
CA ASN C 171 5.57 11.93 3.90
C ASN C 171 4.36 12.80 3.62
N GLN C 172 4.28 13.33 2.40
CA GLN C 172 3.14 14.13 1.95
C GLN C 172 2.69 15.15 3.00
N GLY C 173 3.59 16.06 3.38
CA GLY C 173 3.27 17.15 4.29
C GLY C 173 3.28 16.82 5.77
N LYS C 174 3.57 15.56 6.11
CA LYS C 174 3.72 15.17 7.51
C LYS C 174 4.95 14.29 7.69
N ILE C 175 5.16 13.81 8.90
CA ILE C 175 6.29 12.93 9.20
C ILE C 175 5.76 11.52 9.47
N ASN C 176 6.33 10.54 8.77
CA ASN C 176 6.03 9.15 9.06
C ASN C 176 7.17 8.54 9.87
N VAL C 177 6.79 7.80 10.91
CA VAL C 177 7.76 7.10 11.74
C VAL C 177 7.33 5.65 11.96
N MSE C 178 8.32 4.77 12.01
CA MSE C 178 8.07 3.34 12.18
C MSE C 178 8.67 2.90 13.49
O MSE C 178 9.61 3.52 13.99
CB MSE C 178 8.68 2.56 11.02
CG MSE C 178 8.14 2.97 9.66
SE MSE C 178 8.95 1.95 8.22
CE MSE C 178 8.33 0.18 8.66
N HIS C 179 8.14 1.81 14.05
CA HIS C 179 8.76 1.17 15.20
C HIS C 179 10.20 0.76 14.85
N SER C 180 10.37 0.22 13.65
CA SER C 180 11.70 -0.13 13.13
C SER C 180 11.70 0.14 11.62
N TYR C 181 12.52 1.11 11.19
CA TYR C 181 12.57 1.48 9.78
C TYR C 181 13.37 0.47 8.96
N HIS C 182 12.69 -0.60 8.52
CA HIS C 182 13.30 -1.61 7.67
C HIS C 182 14.68 -2.05 8.19
N SER C 183 15.70 -2.03 7.34
CA SER C 183 17.02 -2.54 7.77
C SER C 183 17.77 -1.60 8.71
N LEU C 184 17.57 -0.30 8.53
CA LEU C 184 18.19 0.72 9.41
C LEU C 184 17.71 0.55 10.86
N GLY C 185 16.40 0.49 11.03
CA GLY C 185 15.82 0.29 12.36
C GLY C 185 16.20 -1.06 12.95
N ARG C 186 16.27 -2.09 12.11
CA ARG C 186 16.59 -3.44 12.58
C ARG C 186 17.99 -3.51 13.22
N VAL C 187 18.98 -2.94 12.54
CA VAL C 187 20.35 -2.90 13.07
C VAL C 187 20.43 -2.04 14.35
N LEU C 188 19.82 -0.86 14.31
CA LEU C 188 19.81 0.02 15.47
C LEU C 188 19.25 -0.70 16.69
N ARG C 189 18.10 -1.38 16.52
CA ARG C 189 17.50 -2.13 17.64
C ARG C 189 18.36 -3.32 18.08
N ASP C 190 18.89 -4.08 17.13
CA ASP C 190 19.70 -5.26 17.47
C ASP C 190 21.05 -4.91 18.11
N ALA C 191 21.57 -3.73 17.77
CA ALA C 191 22.84 -3.27 18.35
C ALA C 191 22.67 -2.68 19.75
N GLY C 192 21.42 -2.43 20.15
CA GLY C 192 21.12 -2.01 21.51
C GLY C 192 20.84 -0.53 21.72
N PHE C 193 20.74 0.23 20.64
CA PHE C 193 20.45 1.65 20.72
C PHE C 193 19.06 1.91 21.32
N ARG C 194 18.88 3.09 21.91
CA ARG C 194 17.59 3.47 22.50
C ARG C 194 16.86 4.42 21.56
N PHE C 195 15.53 4.34 21.55
CA PHE C 195 14.71 5.19 20.68
C PHE C 195 13.87 6.16 21.53
N PRO C 196 13.42 7.28 20.95
CA PRO C 196 12.56 8.18 21.72
C PRO C 196 11.23 7.51 22.11
N PRO C 197 10.64 7.90 23.26
CA PRO C 197 9.38 7.35 23.78
C PRO C 197 8.27 7.23 22.74
N LEU C 198 8.14 8.24 21.87
CA LEU C 198 7.11 8.24 20.84
C LEU C 198 7.26 7.04 19.90
N ILE C 199 8.49 6.77 19.46
CA ILE C 199 8.78 5.65 18.58
C ILE C 199 8.58 4.31 19.29
N GLU C 200 9.08 4.22 20.54
CA GLU C 200 8.85 3.05 21.38
C GLU C 200 7.37 2.70 21.60
N SER C 201 6.49 3.70 21.50
CA SER C 201 5.04 3.46 21.65
C SER C 201 4.42 2.72 20.45
N ILE C 202 5.08 2.78 19.30
CA ILE C 202 4.56 2.16 18.07
C ILE C 202 4.69 0.63 18.17
N PRO C 203 3.61 -0.12 17.85
CA PRO C 203 3.68 -1.58 17.91
C PRO C 203 4.67 -2.14 16.88
N GLU C 204 5.27 -3.28 17.21
CA GLU C 204 6.19 -3.96 16.31
C GLU C 204 5.53 -4.18 14.96
N GLY C 205 6.27 -3.83 13.90
CA GLY C 205 5.78 -3.90 12.53
C GLY C 205 4.89 -2.72 12.12
N GLY C 206 4.74 -1.75 13.01
CA GLY C 206 3.78 -0.66 12.81
C GLY C 206 4.41 0.65 12.36
N ARG C 207 3.56 1.58 11.94
CA ARG C 207 4.01 2.91 11.61
C ARG C 207 2.93 3.93 11.92
N MSE C 208 3.30 5.20 11.85
CA MSE C 208 2.44 6.26 12.34
C MSE C 208 2.79 7.59 11.69
O MSE C 208 3.97 7.95 11.59
CB MSE C 208 2.61 6.33 13.85
CG MSE C 208 2.11 7.57 14.54
SE MSE C 208 2.64 7.43 16.42
CE MSE C 208 4.49 7.95 16.30
N ASP C 209 1.76 8.32 11.23
CA ASP C 209 1.94 9.66 10.72
C ASP C 209 1.81 10.63 11.89
N VAL C 210 2.74 11.57 11.98
CA VAL C 210 2.64 12.66 12.95
C VAL C 210 2.81 14.00 12.24
N SER C 211 2.26 15.05 12.84
CA SER C 211 2.55 16.40 12.39
C SER C 211 4.01 16.74 12.66
N ALA C 212 4.58 17.60 11.82
CA ALA C 212 5.94 18.09 12.05
C ALA C 212 6.04 18.91 13.34
N GLU C 213 4.89 19.33 13.87
CA GLU C 213 4.79 19.93 15.22
C GLU C 213 5.43 19.01 16.27
N ARG C 214 5.41 17.71 16.01
CA ARG C 214 5.92 16.73 16.97
C ARG C 214 7.40 16.38 16.76
N LEU C 215 8.08 17.11 15.88
CA LEU C 215 9.51 16.89 15.64
C LEU C 215 10.41 16.83 16.88
N PRO C 216 10.23 17.77 17.85
CA PRO C 216 11.06 17.68 19.07
C PRO C 216 10.93 16.35 19.81
N GLU C 217 9.77 15.70 19.70
CA GLU C 217 9.54 14.39 20.30
C GLU C 217 10.30 13.27 19.59
N LEU C 218 10.79 13.56 18.38
CA LEU C 218 11.53 12.59 17.58
C LEU C 218 13.03 12.88 17.63
N ASP C 219 13.41 13.93 18.34
CA ASP C 219 14.82 14.28 18.47
C ASP C 219 15.57 13.18 19.24
N ALA C 220 16.86 13.02 18.94
CA ALA C 220 17.70 12.02 19.61
C ALA C 220 19.15 12.45 19.46
N ASP C 221 20.06 11.72 20.09
CA ASP C 221 21.49 11.95 19.90
C ASP C 221 21.86 11.99 18.42
N PHE C 222 21.36 11.01 17.67
CA PHE C 222 21.53 11.00 16.22
C PHE C 222 20.17 10.81 15.55
N VAL C 223 19.90 11.61 14.53
CA VAL C 223 18.68 11.46 13.76
C VAL C 223 19.03 11.05 12.33
N PHE C 224 18.47 9.93 11.89
CA PHE C 224 18.68 9.41 10.54
C PHE C 224 17.48 9.68 9.65
N ALA C 225 17.76 9.97 8.39
CA ALA C 225 16.73 10.11 7.40
C ALA C 225 17.22 9.43 6.12
N THR C 226 16.30 9.10 5.23
CA THR C 226 16.67 8.44 3.98
C THR C 226 16.24 9.27 2.77
N TRP C 227 17.01 9.17 1.70
CA TRP C 227 16.72 9.87 0.45
C TRP C 227 16.51 8.88 -0.69
N ARG C 228 15.48 9.11 -1.48
CA ARG C 228 15.13 8.24 -2.61
C ARG C 228 16.16 8.38 -3.73
N GLY C 229 16.64 7.25 -4.21
CA GLY C 229 17.71 7.21 -5.21
C GLY C 229 17.26 6.93 -6.64
N ASP C 230 15.96 6.74 -6.82
CA ASP C 230 15.40 6.57 -8.16
C ASP C 230 15.20 7.93 -8.79
N THR C 231 15.10 7.95 -10.12
CA THR C 231 14.75 9.16 -10.91
C THR C 231 15.66 10.37 -10.66
N GLY C 232 16.97 10.13 -10.62
CA GLY C 232 17.97 11.20 -10.40
C GLY C 232 17.97 11.79 -9.00
N GLY C 233 17.52 11.01 -8.03
CA GLY C 233 17.44 11.45 -6.64
C GLY C 233 18.80 11.71 -6.00
N LYS C 234 18.84 12.70 -5.12
CA LYS C 234 20.04 13.09 -4.38
C LYS C 234 19.69 13.32 -2.90
N PRO C 235 20.69 13.25 -1.99
CA PRO C 235 20.46 13.56 -0.58
C PRO C 235 19.79 14.92 -0.33
N GLN C 236 20.16 15.93 -1.11
CA GLN C 236 19.61 17.29 -0.95
C GLN C 236 18.09 17.33 -1.15
N ASP C 237 17.57 16.36 -1.91
CA ASP C 237 16.12 16.23 -2.16
C ASP C 237 15.32 16.08 -0.88
N GLU C 238 15.81 15.26 0.04
CA GLU C 238 15.14 15.03 1.32
C GLU C 238 15.17 16.29 2.20
N LEU C 239 16.28 17.03 2.13
CA LEU C 239 16.38 18.31 2.85
C LEU C 239 15.35 19.32 2.31
N ALA C 240 15.21 19.37 0.99
CA ALA C 240 14.26 20.27 0.33
C ALA C 240 12.82 19.84 0.63
N THR C 241 12.57 18.54 0.68
CA THR C 241 11.24 18.01 1.00
C THR C 241 10.86 18.34 2.45
N MSE C 242 11.82 18.22 3.37
CA MSE C 242 11.63 18.57 4.78
C MSE C 242 11.32 20.06 4.96
O MSE C 242 10.44 20.44 5.74
CB MSE C 242 12.86 18.21 5.61
CG MSE C 242 12.97 16.75 5.99
SE MSE C 242 11.51 16.12 7.13
CE MSE C 242 11.75 17.26 8.69
N GLU C 243 12.04 20.90 4.22
CA GLU C 243 11.84 22.35 4.28
C GLU C 243 10.45 22.74 3.78
N LYS C 244 9.93 21.97 2.83
CA LYS C 244 8.57 22.18 2.33
C LYS C 244 7.53 21.76 3.39
N VAL C 245 7.79 20.65 4.07
CA VAL C 245 6.94 20.18 5.17
C VAL C 245 6.88 21.25 6.27
N MSE C 246 8.05 21.67 6.75
CA MSE C 246 8.14 22.72 7.75
C MSE C 246 9.42 23.55 7.59
O MSE C 246 10.51 23.04 7.83
CB MSE C 246 8.05 22.15 9.16
CG MSE C 246 8.03 23.21 10.24
SE MSE C 246 7.74 22.47 12.01
CE MSE C 246 9.49 21.75 12.37
N PRO C 247 9.27 24.82 7.19
CA PRO C 247 10.43 25.71 7.11
C PRO C 247 11.05 25.92 8.49
N GLY C 248 12.38 25.82 8.56
CA GLY C 248 13.10 25.98 9.82
C GLY C 248 13.11 24.75 10.71
N TRP C 249 12.74 23.60 10.15
CA TRP C 249 12.64 22.33 10.89
C TRP C 249 13.92 21.94 11.62
N CYS C 250 15.07 22.26 11.03
CA CYS C 250 16.37 21.88 11.61
C CYS C 250 16.55 22.44 13.03
N GLN C 251 15.97 23.61 13.29
CA GLN C 251 16.06 24.26 14.60
C GLN C 251 15.33 23.48 15.70
N PHE C 252 14.40 22.63 15.30
CA PHE C 252 13.58 21.86 16.23
C PHE C 252 14.19 20.50 16.59
N LEU C 253 15.37 20.23 16.02
CA LEU C 253 16.12 19.04 16.36
C LEU C 253 17.53 19.42 16.78
N THR C 254 17.87 19.14 18.03
CA THR C 254 19.23 19.36 18.53
C THR C 254 20.24 18.56 17.69
N ALA C 255 19.84 17.39 17.20
CA ALA C 255 20.70 16.58 16.35
C ALA C 255 21.06 17.33 15.07
N CYS C 256 20.08 18.01 14.50
CA CYS C 256 20.28 18.75 13.27
C CYS C 256 21.21 19.96 13.48
N ARG C 257 20.96 20.72 14.55
CA ARG C 257 21.78 21.89 14.88
C ARG C 257 23.22 21.54 15.25
N SER C 258 23.42 20.33 15.76
CA SER C 258 24.72 19.86 16.24
C SER C 258 25.49 19.00 15.23
N GLY C 259 24.93 18.84 14.02
CA GLY C 259 25.58 18.08 12.96
C GLY C 259 25.58 16.58 13.20
N ARG C 260 24.50 16.10 13.80
CA ARG C 260 24.29 14.67 14.00
C ARG C 260 23.02 14.21 13.29
N TYR C 261 22.72 14.86 12.17
CA TYR C 261 21.65 14.46 11.27
C TYR C 261 22.29 13.75 10.08
N VAL C 262 21.88 12.49 9.88
CA VAL C 262 22.55 11.58 8.95
C VAL C 262 21.62 11.16 7.82
N LEU C 263 22.02 11.43 6.57
CA LEU C 263 21.24 11.01 5.42
C LEU C 263 21.77 9.69 4.84
N ILE C 264 20.90 8.70 4.82
CA ILE C 264 21.22 7.35 4.36
C ILE C 264 20.45 7.05 3.07
N SER C 265 21.09 6.35 2.13
CA SER C 265 20.43 5.93 0.90
C SER C 265 19.20 5.08 1.20
N ARG C 266 18.03 5.54 0.74
CA ARG C 266 16.81 4.78 0.95
C ARG C 266 16.84 3.44 0.23
N GLU C 267 17.40 3.41 -0.98
CA GLU C 267 17.51 2.17 -1.76
C GLU C 267 18.18 1.04 -0.98
N GLU C 268 19.17 1.40 -0.17
CA GLU C 268 19.86 0.44 0.70
C GLU C 268 19.00 0.09 1.92
N ALA C 269 18.51 1.13 2.60
CA ALA C 269 17.85 1.00 3.90
C ALA C 269 16.51 0.26 3.87
N ILE C 270 15.77 0.45 2.77
CA ILE C 270 14.37 -0.02 2.77
CA ILE C 270 14.37 0.02 2.65
C ILE C 270 14.19 -1.48 2.40
N SER C 271 15.23 -2.13 1.91
CA SER C 271 15.16 -3.56 1.67
C SER C 271 15.44 -4.28 2.99
N ASN C 272 14.52 -5.15 3.39
CA ASN C 272 14.74 -6.00 4.55
C ASN C 272 15.51 -7.26 4.14
N SER C 273 16.79 -7.05 3.82
CA SER C 273 17.67 -8.11 3.36
C SER C 273 18.94 -8.12 4.20
N PHE C 274 19.64 -9.25 4.21
CA PHE C 274 20.91 -9.34 4.93
C PHE C 274 21.98 -8.45 4.28
N ALA C 275 21.91 -8.29 2.96
CA ALA C 275 22.78 -7.34 2.26
C ALA C 275 22.62 -5.95 2.87
N SER C 276 21.37 -5.51 3.03
CA SER C 276 21.07 -4.18 3.57
C SER C 276 21.54 -4.03 5.01
N LEU C 277 21.30 -5.05 5.84
CA LEU C 277 21.74 -5.01 7.23
C LEU C 277 23.26 -4.73 7.34
N GLY C 278 24.05 -5.32 6.45
CA GLY C 278 25.50 -5.11 6.48
C GLY C 278 25.88 -3.68 6.17
N LEU C 279 25.21 -3.11 5.16
CA LEU C 279 25.43 -1.72 4.76
C LEU C 279 25.00 -0.76 5.87
N MSE C 280 23.91 -1.07 6.55
CA MSE C 280 23.43 -0.24 7.66
C MSE C 280 24.41 -0.27 8.84
O MSE C 280 24.77 0.78 9.37
CB MSE C 280 22.03 -0.66 8.13
CG MSE C 280 20.92 -0.47 7.10
SE MSE C 280 20.83 1.34 6.39
CE MSE C 280 21.85 1.08 4.74
N ALA C 281 24.86 -1.47 9.21
CA ALA C 281 25.78 -1.65 10.33
C ALA C 281 27.08 -0.88 10.12
N ALA C 282 27.59 -0.94 8.90
CA ALA C 282 28.84 -0.26 8.55
C ALA C 282 28.69 1.26 8.65
N GLN C 283 27.55 1.78 8.17
CA GLN C 283 27.29 3.21 8.19
C GLN C 283 27.01 3.72 9.59
N ILE C 284 26.25 2.94 10.37
CA ILE C 284 26.01 3.28 11.77
C ILE C 284 27.34 3.37 12.52
N GLN C 285 28.22 2.41 12.28
CA GLN C 285 29.55 2.40 12.89
C GLN C 285 30.33 3.70 12.66
N SER C 286 30.53 4.07 11.38
CA SER C 286 31.37 5.24 11.08
C SER C 286 30.68 6.58 11.32
N GLN C 287 29.36 6.62 11.21
CA GLN C 287 28.61 7.88 11.45
C GLN C 287 28.55 8.21 12.93
N ILE C 288 28.34 7.19 13.75
CA ILE C 288 28.23 7.41 15.20
C ILE C 288 29.60 7.43 15.91
N ALA C 289 30.45 6.46 15.57
CA ALA C 289 31.73 6.28 16.26
C ALA C 289 32.95 6.77 15.49
N GLY C 290 32.78 7.12 14.21
CA GLY C 290 33.93 7.45 13.36
C GLY C 290 33.95 8.82 12.72
N ARG C 291 33.19 9.76 13.27
CA ARG C 291 33.14 11.11 12.71
C ARG C 291 33.27 12.16 13.83
N PRO C 292 34.51 12.36 14.33
CA PRO C 292 34.71 13.36 15.39
C PRO C 292 34.43 14.77 14.88
N LEU C 293 33.56 15.49 15.59
CA LEU C 293 33.22 16.85 15.22
C LEU C 293 33.89 17.85 16.17
N PRO C 294 34.48 18.93 15.61
CA PRO C 294 35.22 19.86 16.46
C PRO C 294 34.28 20.74 17.27
N VAL D 3 44.07 -29.53 -18.62
CA VAL D 3 44.75 -28.49 -17.77
C VAL D 3 44.65 -27.08 -18.39
N GLN D 4 45.10 -26.08 -17.64
CA GLN D 4 45.28 -24.73 -18.16
C GLN D 4 46.69 -24.24 -17.81
N VAL D 5 47.21 -23.29 -18.60
CA VAL D 5 48.45 -22.59 -18.23
C VAL D 5 48.10 -21.19 -17.73
N PHE D 6 48.51 -20.88 -16.51
CA PHE D 6 48.22 -19.59 -15.89
C PHE D 6 49.52 -18.84 -15.63
N THR D 7 49.62 -17.63 -16.15
CA THR D 7 50.80 -16.80 -15.89
C THR D 7 50.54 -15.95 -14.66
N ASP D 8 51.26 -16.27 -13.58
CA ASP D 8 51.02 -15.59 -12.31
C ASP D 8 51.76 -14.25 -12.25
N ASP D 9 51.67 -13.58 -11.10
CA ASP D 9 52.18 -12.22 -10.99
C ASP D 9 53.69 -12.17 -10.74
N LEU D 10 54.33 -13.33 -10.70
CA LEU D 10 55.79 -13.43 -10.71
C LEU D 10 56.31 -13.67 -12.13
N GLY D 11 55.38 -13.79 -13.08
CA GLY D 11 55.72 -14.12 -14.47
C GLY D 11 55.89 -15.61 -14.69
N ARG D 12 55.57 -16.41 -13.67
CA ARG D 12 55.71 -17.85 -13.76
C ARG D 12 54.57 -18.43 -14.60
N LYS D 13 54.93 -19.24 -15.59
CA LYS D 13 53.94 -19.92 -16.44
C LYS D 13 53.59 -21.26 -15.79
N VAL D 14 52.46 -21.29 -15.11
CA VAL D 14 52.12 -22.44 -14.26
C VAL D 14 51.04 -23.28 -14.89
N THR D 15 51.32 -24.57 -15.09
CA THR D 15 50.31 -25.51 -15.55
C THR D 15 49.49 -25.98 -14.34
N VAL D 16 48.18 -25.75 -14.41
CA VAL D 16 47.29 -25.98 -13.27
C VAL D 16 46.10 -26.85 -13.68
N PRO D 17 45.41 -27.46 -12.69
CA PRO D 17 44.23 -28.28 -13.01
C PRO D 17 43.18 -27.49 -13.78
N ALA D 18 42.49 -28.15 -14.70
CA ALA D 18 41.37 -27.54 -15.43
C ALA D 18 40.29 -27.07 -14.46
N HIS D 19 39.95 -27.92 -13.49
CA HIS D 19 39.01 -27.57 -12.44
C HIS D 19 39.52 -28.02 -11.06
N PRO D 20 40.28 -27.15 -10.37
CA PRO D 20 40.81 -27.48 -9.06
C PRO D 20 39.71 -27.58 -8.00
N LYS D 21 39.72 -28.67 -7.25
CA LYS D 21 38.68 -28.91 -6.25
C LYS D 21 39.20 -28.70 -4.83
N ARG D 22 40.51 -28.86 -4.66
CA ARG D 22 41.15 -28.76 -3.36
C ARG D 22 42.21 -27.65 -3.35
N ILE D 23 41.77 -26.45 -3.00
CA ILE D 23 42.66 -25.29 -3.02
C ILE D 23 43.20 -25.01 -1.63
N VAL D 24 44.50 -24.74 -1.54
CA VAL D 24 45.09 -24.22 -0.33
C VAL D 24 45.40 -22.73 -0.49
N SER D 25 44.91 -21.92 0.46
CA SER D 25 45.12 -20.47 0.43
C SER D 25 46.10 -20.01 1.51
N LEU D 26 47.07 -19.18 1.12
CA LEU D 26 48.03 -18.63 2.06
C LEU D 26 47.74 -17.19 2.50
N HIS D 27 46.53 -16.70 2.25
CA HIS D 27 46.16 -15.38 2.75
C HIS D 27 44.66 -15.27 3.00
N ASP D 28 44.28 -15.10 4.27
CA ASP D 28 42.85 -15.03 4.63
C ASP D 28 42.08 -13.92 3.94
N LEU D 29 42.61 -12.69 4.02
CA LEU D 29 41.90 -11.50 3.58
C LEU D 29 41.66 -11.43 2.07
N ASP D 30 42.67 -11.75 1.27
CA ASP D 30 42.67 -11.43 -0.16
C ASP D 30 42.69 -12.64 -1.08
N ILE D 31 42.77 -13.84 -0.49
CA ILE D 31 42.57 -15.08 -1.27
C ILE D 31 41.41 -15.90 -0.73
N THR D 32 41.42 -16.22 0.56
CA THR D 32 40.36 -17.06 1.13
C THR D 32 38.98 -16.39 1.04
N ILE D 33 38.89 -15.14 1.45
CA ILE D 33 37.59 -14.44 1.37
C ILE D 33 37.07 -14.39 -0.08
N PRO D 34 37.91 -13.93 -1.03
CA PRO D 34 37.49 -14.03 -2.43
C PRO D 34 37.05 -15.43 -2.91
N LEU D 35 37.78 -16.46 -2.52
CA LEU D 35 37.39 -17.83 -2.87
C LEU D 35 36.00 -18.20 -2.33
N ILE D 36 35.76 -17.87 -1.06
CA ILE D 36 34.42 -18.02 -0.46
C ILE D 36 33.33 -17.25 -1.23
N GLU D 37 33.60 -16.00 -1.57
CA GLU D 37 32.64 -15.16 -2.33
C GLU D 37 32.34 -15.70 -3.73
N LEU D 38 33.32 -16.36 -4.32
CA LEU D 38 33.16 -16.94 -5.66
C LEU D 38 32.52 -18.33 -5.63
N GLY D 39 32.28 -18.85 -4.43
CA GLY D 39 31.61 -20.14 -4.24
C GLY D 39 32.52 -21.35 -4.25
N VAL D 40 33.83 -21.10 -4.16
CA VAL D 40 34.83 -22.18 -4.20
C VAL D 40 35.82 -22.08 -3.02
N PRO D 41 35.32 -22.25 -1.79
CA PRO D 41 36.20 -22.06 -0.62
C PRO D 41 37.37 -23.04 -0.63
N PRO D 42 38.50 -22.65 -0.02
CA PRO D 42 39.65 -23.53 0.01
C PRO D 42 39.49 -24.64 1.05
N VAL D 43 40.25 -25.72 0.91
CA VAL D 43 40.25 -26.80 1.93
C VAL D 43 41.08 -26.42 3.17
N ALA D 44 42.00 -25.48 2.99
CA ALA D 44 42.85 -25.03 4.09
C ALA D 44 43.25 -23.58 3.87
N SER D 45 43.40 -22.84 4.96
CA SER D 45 43.72 -21.42 4.86
C SER D 45 44.63 -20.91 5.97
N HIS D 46 45.49 -19.97 5.59
CA HIS D 46 46.09 -19.02 6.51
C HIS D 46 45.00 -18.40 7.38
N GLY D 47 45.35 -18.08 8.62
CA GLY D 47 44.42 -17.40 9.51
C GLY D 47 45.15 -16.69 10.64
N ARG D 48 44.37 -16.16 11.57
CA ARG D 48 44.94 -15.45 12.71
C ARG D 48 44.69 -16.26 13.97
N THR D 49 45.37 -15.87 15.05
CA THR D 49 45.24 -16.53 16.33
C THR D 49 45.00 -15.47 17.41
N ARG D 50 43.95 -15.66 18.20
CA ARG D 50 43.65 -14.79 19.34
C ARG D 50 44.64 -15.02 20.48
N PRO D 51 44.77 -14.04 21.40
CA PRO D 51 45.63 -14.25 22.58
C PRO D 51 45.32 -15.54 23.35
N ASP D 52 44.09 -16.04 23.28
CA ASP D 52 43.73 -17.30 23.93
C ASP D 52 44.01 -18.55 23.09
N GLY D 53 44.48 -18.35 21.86
CA GLY D 53 44.92 -19.46 21.03
C GLY D 53 43.93 -19.99 20.02
N SER D 54 42.70 -19.47 20.05
CA SER D 54 41.67 -19.83 19.06
C SER D 54 41.98 -19.15 17.73
N HIS D 55 41.52 -19.77 16.64
CA HIS D 55 41.87 -19.29 15.29
C HIS D 55 40.68 -18.69 14.55
N PHE D 56 40.97 -17.72 13.69
CA PHE D 56 39.95 -17.09 12.85
C PHE D 56 40.53 -16.61 11.52
N ILE D 57 39.70 -16.68 10.49
CA ILE D 57 39.97 -16.06 9.19
C ILE D 57 39.73 -14.57 9.43
N ARG D 58 40.75 -13.73 9.24
CA ARG D 58 40.57 -12.30 9.50
C ARG D 58 39.44 -11.76 8.64
N SER D 59 38.43 -11.18 9.29
CA SER D 59 37.28 -10.58 8.62
C SER D 59 36.38 -11.60 7.90
N GLY D 60 36.61 -12.88 8.14
CA GLY D 60 35.86 -13.94 7.47
C GLY D 60 34.39 -13.97 7.83
N ALA D 61 34.11 -14.06 9.13
CA ALA D 61 32.72 -14.05 9.60
C ALA D 61 32.05 -12.71 9.27
N LEU D 62 32.79 -11.62 9.45
CA LEU D 62 32.28 -10.26 9.20
C LEU D 62 31.90 -10.01 7.75
N LEU D 63 32.65 -10.56 6.81
CA LEU D 63 32.41 -10.29 5.39
C LEU D 63 31.69 -11.38 4.62
N THR D 64 31.66 -12.61 5.15
CA THR D 64 31.10 -13.75 4.42
C THR D 64 30.25 -14.69 5.28
N GLY D 65 30.36 -14.56 6.60
CA GLY D 65 29.68 -15.47 7.53
C GLY D 65 30.34 -16.85 7.63
N VAL D 66 31.55 -16.97 7.08
CA VAL D 66 32.30 -18.23 7.08
C VAL D 66 33.58 -18.05 7.89
N ASP D 67 33.83 -18.98 8.82
CA ASP D 67 35.06 -19.00 9.60
C ASP D 67 35.51 -20.46 9.79
N PHE D 68 36.59 -20.69 10.54
CA PHE D 68 37.07 -22.05 10.78
C PHE D 68 36.05 -22.90 11.57
N ASP D 69 35.36 -22.26 12.51
CA ASP D 69 34.45 -22.98 13.41
C ASP D 69 33.07 -23.35 12.82
N ASN D 70 32.75 -22.83 11.64
CA ASN D 70 31.49 -23.22 10.99
C ASN D 70 31.66 -23.76 9.56
N SER D 71 32.87 -24.23 9.25
CA SER D 71 33.18 -24.72 7.90
C SER D 71 34.12 -25.92 7.92
N SER D 72 34.47 -26.38 6.72
CA SER D 72 35.45 -27.45 6.54
C SER D 72 36.85 -26.90 6.22
N ILE D 73 37.03 -25.57 6.33
CA ILE D 73 38.32 -24.96 6.03
C ILE D 73 39.27 -25.18 7.21
N ALA D 74 40.43 -25.79 6.94
CA ALA D 74 41.41 -26.07 7.99
C ALA D 74 42.36 -24.90 8.18
N PHE D 75 42.64 -24.56 9.43
CA PHE D 75 43.64 -23.54 9.77
C PHE D 75 45.03 -24.13 9.56
N ILE D 76 45.86 -23.45 8.78
CA ILE D 76 47.22 -23.95 8.54
C ILE D 76 48.35 -22.98 8.91
N GLY D 77 48.04 -22.01 9.77
CA GLY D 77 49.09 -21.14 10.31
C GLY D 77 48.90 -19.65 10.11
N THR D 78 49.64 -18.86 10.87
CA THR D 78 49.56 -17.41 10.81
C THR D 78 50.86 -16.85 10.23
N ALA D 79 51.89 -16.75 11.07
CA ALA D 79 53.19 -16.23 10.63
C ALA D 79 53.96 -17.27 9.81
N ASP D 80 53.97 -18.50 10.28
CA ASP D 80 54.56 -19.62 9.54
C ASP D 80 53.45 -20.53 9.10
N ILE D 81 53.50 -20.97 7.85
CA ILE D 81 52.51 -21.92 7.37
C ILE D 81 52.93 -23.35 7.78
N ASP D 82 51.93 -24.21 7.97
CA ASP D 82 52.14 -25.59 8.37
C ASP D 82 52.28 -26.46 7.12
N ILE D 83 53.52 -26.65 6.68
CA ILE D 83 53.84 -27.37 5.45
C ILE D 83 53.31 -28.80 5.50
N GLU D 84 53.51 -29.49 6.63
CA GLU D 84 53.03 -30.86 6.77
C GLU D 84 51.52 -30.99 6.64
N ALA D 85 50.79 -29.99 7.12
CA ALA D 85 49.34 -29.94 6.99
C ALA D 85 48.90 -29.69 5.55
N ILE D 86 49.64 -28.81 4.85
CA ILE D 86 49.39 -28.60 3.42
C ILE D 86 49.58 -29.91 2.65
N VAL D 87 50.69 -30.60 2.90
CA VAL D 87 50.98 -31.88 2.26
C VAL D 87 49.82 -32.87 2.49
N ALA D 88 49.39 -32.97 3.74
CA ALA D 88 48.29 -33.85 4.14
C ALA D 88 46.93 -33.49 3.53
N ALA D 89 46.72 -32.19 3.29
CA ALA D 89 45.47 -31.69 2.69
C ALA D 89 45.29 -32.13 1.24
N LYS D 90 46.35 -32.67 0.64
CA LYS D 90 46.36 -33.12 -0.75
C LYS D 90 45.74 -32.07 -1.70
N PRO D 91 46.35 -30.88 -1.78
CA PRO D 91 45.77 -29.84 -2.62
C PRO D 91 46.03 -30.10 -4.10
N ASP D 92 45.12 -29.60 -4.94
CA ASP D 92 45.40 -29.60 -6.38
CA ASP D 92 45.28 -29.57 -6.40
C ASP D 92 45.95 -28.26 -6.83
N LEU D 93 45.78 -27.23 -6.01
CA LEU D 93 46.30 -25.89 -6.29
C LEU D 93 46.62 -25.14 -4.98
N ILE D 94 47.78 -24.49 -4.96
CA ILE D 94 48.16 -23.62 -3.84
C ILE D 94 48.21 -22.20 -4.37
N ILE D 95 47.59 -21.27 -3.64
CA ILE D 95 47.57 -19.88 -4.04
C ILE D 95 48.28 -19.06 -2.96
N THR D 96 49.33 -18.36 -3.37
CA THR D 96 50.12 -17.57 -2.46
C THR D 96 50.22 -16.13 -2.98
N GLU D 97 51.02 -15.30 -2.30
CA GLU D 97 51.19 -13.91 -2.67
C GLU D 97 52.68 -13.57 -2.63
N PRO D 98 53.13 -12.63 -3.49
CA PRO D 98 54.56 -12.34 -3.62
C PRO D 98 55.26 -11.97 -2.31
N THR D 99 54.53 -11.40 -1.36
CA THR D 99 55.13 -11.00 -0.08
C THR D 99 54.84 -11.96 1.09
N ARG D 100 54.35 -13.16 0.77
CA ARG D 100 54.20 -14.21 1.78
CA ARG D 100 54.21 -14.21 1.78
C ARG D 100 55.59 -14.73 2.15
N ASN D 101 55.77 -15.06 3.43
CA ASN D 101 57.05 -15.52 3.94
C ASN D 101 57.54 -16.87 3.41
N THR D 102 56.62 -17.82 3.25
CA THR D 102 56.99 -19.15 2.80
C THR D 102 57.48 -19.14 1.35
N PRO D 103 58.69 -19.68 1.11
CA PRO D 103 59.31 -19.64 -0.21
C PRO D 103 58.48 -20.41 -1.22
N ILE D 104 58.28 -19.81 -2.39
CA ILE D 104 57.49 -20.41 -3.45
C ILE D 104 58.08 -21.76 -3.91
N GLU D 105 59.40 -21.89 -3.90
CA GLU D 105 60.08 -23.13 -4.29
C GLU D 105 59.76 -24.31 -3.36
N ARG D 106 59.39 -24.01 -2.12
CA ARG D 106 58.98 -25.04 -1.17
C ARG D 106 57.56 -25.52 -1.51
N LEU D 107 56.68 -24.55 -1.77
CA LEU D 107 55.30 -24.85 -2.16
C LEU D 107 55.23 -25.63 -3.48
N GLU D 108 56.13 -25.29 -4.40
CA GLU D 108 56.23 -25.95 -5.72
C GLU D 108 56.44 -27.45 -5.63
N LYS D 109 57.00 -27.92 -4.51
CA LYS D 109 57.26 -29.35 -4.32
C LYS D 109 55.98 -30.12 -3.98
N ILE D 110 54.93 -29.39 -3.58
CA ILE D 110 53.72 -30.03 -3.07
C ILE D 110 52.63 -30.16 -4.14
N ALA D 111 52.31 -29.04 -4.79
CA ALA D 111 51.26 -28.97 -5.80
C ALA D 111 51.49 -27.76 -6.71
N PRO D 112 50.78 -27.69 -7.86
CA PRO D 112 50.88 -26.47 -8.66
C PRO D 112 50.61 -25.24 -7.78
N THR D 113 51.49 -24.24 -7.87
CA THR D 113 51.42 -23.08 -7.00
C THR D 113 51.42 -21.82 -7.84
N VAL D 114 50.53 -20.90 -7.50
CA VAL D 114 50.46 -19.61 -8.20
C VAL D 114 50.57 -18.46 -7.20
N SER D 115 51.28 -17.41 -7.61
CA SER D 115 51.45 -16.23 -6.77
C SER D 115 50.64 -15.07 -7.34
N ILE D 116 49.75 -14.53 -6.52
CA ILE D 116 48.87 -13.44 -6.92
C ILE D 116 49.22 -12.16 -6.17
N ASP D 117 49.53 -11.10 -6.91
CA ASP D 117 49.82 -9.81 -6.30
C ASP D 117 48.50 -9.19 -5.83
N HIS D 118 48.22 -9.35 -4.56
CA HIS D 118 46.95 -8.90 -3.97
C HIS D 118 46.85 -7.38 -3.81
N LEU D 119 47.96 -6.69 -4.05
CA LEU D 119 48.04 -5.24 -3.85
C LEU D 119 47.80 -4.43 -5.12
N LYS D 120 47.64 -5.12 -6.25
CA LYS D 120 47.43 -4.44 -7.52
C LYS D 120 46.01 -4.60 -8.03
N GLY D 121 45.31 -3.48 -8.14
CA GLY D 121 44.00 -3.45 -8.79
C GLY D 121 42.80 -3.83 -7.93
N GLY D 122 43.06 -4.18 -6.66
CA GLY D 122 42.00 -4.54 -5.72
C GLY D 122 41.19 -5.76 -6.13
N ALA D 123 39.97 -5.86 -5.58
CA ALA D 123 39.10 -7.00 -5.84
C ALA D 123 38.88 -7.30 -7.33
N PRO D 124 38.60 -6.28 -8.17
CA PRO D 124 38.32 -6.59 -9.57
C PRO D 124 39.46 -7.36 -10.22
N GLU D 125 40.69 -6.95 -9.95
CA GLU D 125 41.87 -7.63 -10.50
C GLU D 125 42.09 -9.01 -9.90
N ILE D 126 42.08 -9.09 -8.57
CA ILE D 126 42.25 -10.38 -7.89
C ILE D 126 41.23 -11.39 -8.33
N TYR D 127 39.94 -11.01 -8.34
CA TYR D 127 38.88 -11.97 -8.65
C TYR D 127 38.94 -12.42 -10.11
N ARG D 128 39.36 -11.53 -11.02
CA ARG D 128 39.58 -11.92 -12.41
C ARG D 128 40.50 -13.14 -12.50
N LYS D 129 41.62 -13.08 -11.78
CA LYS D 129 42.60 -14.15 -11.74
C LYS D 129 42.06 -15.40 -11.06
N LEU D 130 41.43 -15.24 -9.89
CA LEU D 130 40.87 -16.37 -9.17
C LEU D 130 39.75 -17.06 -9.96
N ALA D 131 38.93 -16.26 -10.65
CA ALA D 131 37.84 -16.82 -11.47
C ALA D 131 38.37 -17.58 -12.69
N GLU D 132 39.49 -17.12 -13.23
CA GLU D 132 40.17 -17.82 -14.33
C GLU D 132 40.64 -19.19 -13.83
N LEU D 133 41.26 -19.20 -12.65
CA LEU D 133 41.79 -20.42 -12.06
C LEU D 133 40.71 -21.43 -11.68
N THR D 134 39.56 -20.93 -11.22
CA THR D 134 38.52 -21.78 -10.67
C THR D 134 37.30 -22.00 -11.56
N GLY D 135 37.27 -21.32 -12.70
CA GLY D 135 36.12 -21.41 -13.62
C GLY D 135 34.85 -20.81 -13.04
N THR D 136 35.00 -19.73 -12.28
CA THR D 136 33.85 -19.09 -11.63
C THR D 136 33.51 -17.73 -12.24
N GLN D 137 33.75 -17.60 -13.54
CA GLN D 137 33.47 -16.34 -14.26
C GLN D 137 32.01 -15.86 -14.15
N SER D 138 31.08 -16.81 -14.11
CA SER D 138 29.64 -16.48 -14.02
C SER D 138 29.33 -15.79 -12.70
N GLN D 139 29.89 -16.34 -11.63
CA GLN D 139 29.75 -15.76 -10.29
C GLN D 139 30.38 -14.36 -10.23
N LEU D 140 31.55 -14.21 -10.86
CA LEU D 140 32.23 -12.92 -10.91
C LEU D 140 31.43 -11.86 -11.67
N ALA D 141 30.74 -12.28 -12.73
CA ALA D 141 29.92 -11.36 -13.53
C ALA D 141 28.86 -10.66 -12.67
N ILE D 142 28.26 -11.43 -11.76
CA ILE D 142 27.25 -10.92 -10.83
C ILE D 142 27.89 -9.96 -9.82
N LEU D 143 29.03 -10.36 -9.26
CA LEU D 143 29.76 -9.48 -8.34
C LEU D 143 30.13 -8.17 -9.02
N GLU D 144 30.60 -8.26 -10.27
CA GLU D 144 30.98 -7.07 -11.04
C GLU D 144 29.80 -6.13 -11.33
N ARG D 145 28.64 -6.71 -11.64
CA ARG D 145 27.44 -5.91 -11.86
C ARG D 145 27.04 -5.13 -10.61
N ARG D 146 27.09 -5.81 -9.45
CA ARG D 146 26.79 -5.13 -8.20
C ARG D 146 27.76 -3.96 -7.98
N TYR D 147 29.04 -4.19 -8.23
CA TYR D 147 30.05 -3.16 -8.00
C TYR D 147 29.80 -1.97 -8.93
N GLN D 148 29.43 -2.25 -10.17
CA GLN D 148 29.07 -1.21 -11.14
CA GLN D 148 29.09 -1.20 -11.13
C GLN D 148 27.92 -0.37 -10.60
N ALA D 149 26.91 -1.04 -10.04
CA ALA D 149 25.75 -0.37 -9.45
C ALA D 149 26.15 0.54 -8.28
N GLN D 150 27.06 0.06 -7.43
CA GLN D 150 27.57 0.82 -6.29
C GLN D 150 28.32 2.08 -6.73
N ILE D 151 29.25 1.92 -7.67
CA ILE D 151 29.99 3.06 -8.21
C ILE D 151 29.07 4.07 -8.91
N ASN D 152 28.14 3.57 -9.73
CA ASN D 152 27.18 4.45 -10.41
C ASN D 152 26.33 5.27 -9.43
N ALA D 153 25.96 4.65 -8.31
CA ALA D 153 25.21 5.34 -7.26
C ALA D 153 26.02 6.46 -6.59
N LEU D 154 27.31 6.24 -6.41
CA LEU D 154 28.21 7.27 -5.91
C LEU D 154 28.35 8.43 -6.91
N LYS D 155 28.65 8.08 -8.15
CA LYS D 155 28.83 9.08 -9.21
C LYS D 155 27.56 9.92 -9.47
N ALA D 156 26.40 9.32 -9.21
CA ALA D 156 25.12 9.99 -9.41
C ALA D 156 24.84 11.14 -8.43
N THR D 157 25.44 11.07 -7.24
CA THR D 157 25.12 12.02 -6.18
C THR D 157 26.24 13.01 -5.90
N LEU D 158 27.45 12.67 -6.34
CA LEU D 158 28.65 13.39 -5.99
C LEU D 158 29.45 13.79 -7.22
N ASP D 159 29.84 15.06 -7.30
CA ASP D 159 30.79 15.50 -8.30
C ASP D 159 32.20 15.18 -7.76
N SER D 160 32.54 13.89 -7.83
CA SER D 160 33.78 13.36 -7.28
C SER D 160 35.02 13.97 -7.92
N GLN D 161 34.89 14.34 -9.20
CA GLN D 161 35.93 15.03 -9.97
C GLN D 161 36.46 16.29 -9.25
N LYS D 162 35.60 16.93 -8.47
CA LYS D 162 35.93 18.18 -7.77
C LYS D 162 36.27 18.01 -6.28
N ILE D 163 36.13 16.78 -5.77
CA ILE D 163 36.36 16.50 -4.35
C ILE D 163 37.68 15.74 -4.14
N THR D 164 38.54 16.29 -3.29
CA THR D 164 39.81 15.63 -2.96
C THR D 164 39.68 14.78 -1.70
N VAL D 165 40.35 13.63 -1.73
CA VAL D 165 40.34 12.69 -0.61
C VAL D 165 41.75 12.22 -0.32
N SER D 166 41.94 11.68 0.87
CA SER D 166 43.20 11.10 1.28
C SER D 166 42.92 9.98 2.26
N VAL D 167 43.77 8.97 2.26
CA VAL D 167 43.69 7.89 3.24
C VAL D 167 45.03 7.78 3.96
N ILE D 168 44.99 7.85 5.28
CA ILE D 168 46.20 7.76 6.11
C ILE D 168 46.08 6.74 7.23
N GLN D 169 47.23 6.39 7.81
CA GLN D 169 47.29 5.46 8.91
C GLN D 169 48.54 5.76 9.73
N ALA D 170 48.42 5.68 11.06
CA ALA D 170 49.58 5.72 11.94
C ALA D 170 50.30 4.38 11.84
N ASN D 171 51.63 4.43 11.81
CA ASN D 171 52.43 3.23 11.69
C ASN D 171 53.73 3.39 12.48
N GLN D 172 53.72 2.91 13.72
CA GLN D 172 54.94 2.85 14.55
C GLN D 172 55.72 4.17 14.54
N GLY D 173 55.06 5.25 14.91
CA GLY D 173 55.72 6.55 15.05
C GLY D 173 55.82 7.37 13.79
N LYS D 174 55.27 6.84 12.70
CA LYS D 174 55.22 7.56 11.43
C LYS D 174 53.85 7.37 10.76
N ILE D 175 53.71 7.88 9.54
CA ILE D 175 52.45 7.75 8.80
C ILE D 175 52.67 6.85 7.58
N ASN D 176 51.79 5.86 7.40
CA ASN D 176 51.84 5.04 6.20
C ASN D 176 50.71 5.40 5.25
N VAL D 177 51.06 5.57 3.99
CA VAL D 177 50.11 5.88 2.93
C VAL D 177 50.31 4.95 1.74
N MSE D 178 49.22 4.61 1.07
CA MSE D 178 49.25 3.73 -0.09
C MSE D 178 48.75 4.49 -1.30
O MSE D 178 47.97 5.45 -1.17
CB MSE D 178 48.38 2.49 0.16
CG MSE D 178 48.78 1.68 1.39
SE MSE D 178 47.83 -0.01 1.53
CE MSE D 178 48.43 -0.89 -0.08
N HIS D 179 49.19 4.07 -2.49
CA HIS D 179 48.62 4.59 -3.73
C HIS D 179 47.11 4.36 -3.67
N SER D 180 46.70 3.17 -3.24
CA SER D 180 45.29 2.84 -3.07
C SER D 180 45.14 1.92 -1.88
N TYR D 181 44.52 2.41 -0.80
CA TYR D 181 44.38 1.62 0.41
C TYR D 181 43.32 0.54 0.28
N HIS D 182 43.74 -0.59 -0.28
CA HIS D 182 42.89 -1.76 -0.45
C HIS D 182 41.51 -1.38 -1.02
N SER D 183 40.43 -1.76 -0.33
CA SER D 183 39.08 -1.54 -0.88
C SER D 183 38.60 -0.10 -0.73
N LEU D 184 39.09 0.57 0.31
CA LEU D 184 38.76 1.99 0.51
C LEU D 184 39.33 2.82 -0.63
N GLY D 185 40.63 2.66 -0.89
CA GLY D 185 41.27 3.32 -2.02
C GLY D 185 40.65 2.93 -3.36
N ARG D 186 40.31 1.65 -3.51
CA ARG D 186 39.74 1.17 -4.77
C ARG D 186 38.44 1.90 -5.14
N VAL D 187 37.54 2.01 -4.17
CA VAL D 187 36.27 2.70 -4.41
C VAL D 187 36.47 4.19 -4.67
N LEU D 188 37.32 4.84 -3.86
CA LEU D 188 37.59 6.27 -4.03
C LEU D 188 38.12 6.53 -5.44
N ARG D 189 39.06 5.71 -5.88
CA ARG D 189 39.62 5.86 -7.21
C ARG D 189 38.60 5.59 -8.31
N ASP D 190 37.89 4.47 -8.21
CA ASP D 190 36.88 4.12 -9.22
C ASP D 190 35.70 5.10 -9.32
N ALA D 191 35.35 5.71 -8.19
CA ALA D 191 34.29 6.73 -8.18
C ALA D 191 34.75 8.07 -8.78
N GLY D 192 36.05 8.26 -8.92
CA GLY D 192 36.58 9.45 -9.60
C GLY D 192 37.08 10.57 -8.72
N PHE D 193 37.28 10.30 -7.43
CA PHE D 193 37.83 11.29 -6.50
C PHE D 193 39.31 11.57 -6.77
N ARG D 194 39.77 12.76 -6.38
CA ARG D 194 41.16 13.14 -6.57
C ARG D 194 41.96 12.97 -5.28
N PHE D 195 43.21 12.51 -5.41
CA PHE D 195 44.11 12.32 -4.27
C PHE D 195 45.22 13.39 -4.27
N PRO D 196 45.84 13.65 -3.10
CA PRO D 196 46.97 14.59 -3.05
C PRO D 196 48.13 14.13 -3.92
N PRO D 197 48.91 15.08 -4.48
CA PRO D 197 50.06 14.76 -5.34
C PRO D 197 51.01 13.71 -4.77
N LEU D 198 51.26 13.75 -3.47
CA LEU D 198 52.17 12.78 -2.85
C LEU D 198 51.65 11.35 -2.99
N ILE D 199 50.34 11.17 -2.79
CA ILE D 199 49.74 9.85 -2.94
C ILE D 199 49.72 9.44 -4.42
N GLU D 200 49.41 10.39 -5.30
CA GLU D 200 49.41 10.13 -6.74
C GLU D 200 50.77 9.64 -7.25
N SER D 201 51.85 10.12 -6.64
CA SER D 201 53.21 9.77 -7.08
C SER D 201 53.62 8.34 -6.72
N ILE D 202 52.93 7.75 -5.76
CA ILE D 202 53.24 6.38 -5.33
C ILE D 202 52.86 5.40 -6.44
N PRO D 203 53.78 4.47 -6.79
CA PRO D 203 53.44 3.50 -7.83
C PRO D 203 52.28 2.57 -7.45
N GLU D 204 51.57 2.08 -8.45
CA GLU D 204 50.47 1.15 -8.24
C GLU D 204 50.93 -0.08 -7.47
N GLY D 205 50.12 -0.49 -6.50
CA GLY D 205 50.46 -1.59 -5.60
C GLY D 205 51.43 -1.19 -4.49
N GLY D 206 51.84 0.07 -4.46
CA GLY D 206 52.87 0.53 -3.55
C GLY D 206 52.38 1.26 -2.32
N ARG D 207 53.30 1.42 -1.37
CA ARG D 207 53.05 2.16 -0.15
C ARG D 207 54.33 2.80 0.37
N MSE D 208 54.17 3.70 1.32
CA MSE D 208 55.29 4.52 1.76
C MSE D 208 55.12 5.02 3.19
O MSE D 208 54.02 5.43 3.58
CB MSE D 208 55.49 5.65 0.74
CG MSE D 208 55.63 7.05 1.25
SE MSE D 208 55.45 8.34 -0.21
CE MSE D 208 56.88 9.52 0.35
N ASP D 209 56.18 4.95 3.97
CA ASP D 209 56.23 5.61 5.27
C ASP D 209 56.64 7.07 5.07
N VAL D 210 55.93 7.95 5.77
CA VAL D 210 56.12 9.38 5.65
C VAL D 210 56.32 9.98 7.05
N SER D 211 57.29 10.88 7.17
CA SER D 211 57.54 11.59 8.42
C SER D 211 56.30 12.37 8.84
N ALA D 212 55.96 12.30 10.12
CA ALA D 212 54.75 12.94 10.65
C ALA D 212 54.65 14.45 10.38
N GLU D 213 55.80 15.10 10.26
CA GLU D 213 55.88 16.54 9.98
C GLU D 213 55.26 16.88 8.62
N ARG D 214 55.13 15.87 7.76
CA ARG D 214 54.67 16.08 6.39
C ARG D 214 53.16 15.89 6.23
N LEU D 215 52.45 15.77 7.34
CA LEU D 215 50.99 15.63 7.34
C LEU D 215 50.24 16.61 6.42
N PRO D 216 50.64 17.90 6.40
CA PRO D 216 49.97 18.82 5.46
C PRO D 216 49.95 18.35 4.00
N GLU D 217 50.97 17.61 3.58
CA GLU D 217 51.01 17.07 2.21
C GLU D 217 49.94 16.00 1.97
N LEU D 218 49.32 15.51 3.04
CA LEU D 218 48.29 14.47 2.95
C LEU D 218 46.88 15.01 3.21
N ASP D 219 46.77 16.32 3.41
CA ASP D 219 45.49 16.97 3.62
C ASP D 219 44.65 16.98 2.33
N ALA D 220 43.34 17.00 2.48
CA ALA D 220 42.39 17.01 1.36
C ALA D 220 41.04 17.44 1.92
N ASP D 221 40.03 17.56 1.06
CA ASP D 221 38.67 17.89 1.48
C ASP D 221 38.19 16.93 2.57
N PHE D 222 38.42 15.64 2.35
CA PHE D 222 38.14 14.60 3.34
C PHE D 222 39.36 13.73 3.55
N VAL D 223 39.67 13.45 4.81
CA VAL D 223 40.76 12.55 5.16
C VAL D 223 40.17 11.34 5.87
N PHE D 224 40.43 10.16 5.30
CA PHE D 224 40.00 8.89 5.89
C PHE D 224 41.16 8.23 6.62
N ALA D 225 40.84 7.58 7.73
CA ALA D 225 41.81 6.74 8.43
C ALA D 225 41.11 5.44 8.82
N THR D 226 41.89 4.40 9.10
CA THR D 226 41.29 3.14 9.53
C THR D 226 41.75 2.73 10.93
N TRP D 227 40.89 2.04 11.65
CA TRP D 227 41.20 1.57 12.99
C TRP D 227 41.11 0.05 13.06
N ARG D 228 42.14 -0.56 13.64
CA ARG D 228 42.18 -2.03 13.79
C ARG D 228 41.14 -2.50 14.79
N GLY D 229 40.44 -3.58 14.44
CA GLY D 229 39.35 -4.12 15.26
C GLY D 229 39.46 -5.57 15.68
N ASP D 230 40.37 -6.32 15.05
CA ASP D 230 40.43 -7.78 15.28
C ASP D 230 40.99 -8.18 16.64
N THR D 231 41.50 -7.20 17.39
CA THR D 231 42.05 -7.45 18.73
C THR D 231 41.23 -6.77 19.85
N GLY D 232 40.10 -6.17 19.48
CA GLY D 232 39.22 -5.50 20.44
C GLY D 232 39.41 -4.00 20.46
N GLY D 233 39.98 -3.47 19.38
CA GLY D 233 40.19 -2.03 19.23
C GLY D 233 38.93 -1.24 18.96
N LYS D 234 39.04 0.07 19.12
CA LYS D 234 37.94 1.01 18.94
C LYS D 234 38.44 2.17 18.06
N PRO D 235 37.52 2.94 17.42
CA PRO D 235 37.95 4.06 16.60
C PRO D 235 38.83 5.09 17.35
N GLN D 236 38.55 5.29 18.63
CA GLN D 236 39.35 6.21 19.46
C GLN D 236 40.82 5.83 19.58
N ASP D 237 41.13 4.55 19.39
CA ASP D 237 42.50 4.04 19.38
C ASP D 237 43.38 4.70 18.32
N GLU D 238 42.84 4.89 17.11
CA GLU D 238 43.60 5.53 16.04
C GLU D 238 43.86 7.01 16.36
N LEU D 239 42.87 7.68 16.93
CA LEU D 239 43.05 9.05 17.41
C LEU D 239 44.15 9.13 18.47
N ALA D 240 44.12 8.20 19.42
CA ALA D 240 45.13 8.13 20.49
C ALA D 240 46.52 7.86 19.94
N THR D 241 46.60 6.93 18.98
CA THR D 241 47.86 6.58 18.33
C THR D 241 48.43 7.74 17.50
N MSE D 242 47.56 8.43 16.77
CA MSE D 242 47.95 9.61 16.00
C MSE D 242 48.56 10.72 16.86
O MSE D 242 49.54 11.35 16.48
CB MSE D 242 46.76 10.17 15.22
CG MSE D 242 46.42 9.41 13.95
SE MSE D 242 47.87 9.48 12.65
CE MSE D 242 47.82 11.40 12.25
N GLU D 243 47.98 10.93 18.05
CA GLU D 243 48.45 11.94 18.99
C GLU D 243 49.82 11.59 19.57
N LYS D 244 50.09 10.30 19.70
CA LYS D 244 51.38 9.79 20.15
C LYS D 244 52.45 9.91 19.06
N VAL D 245 52.01 9.82 17.80
CA VAL D 245 52.88 10.06 16.64
C VAL D 245 53.26 11.55 16.52
N MSE D 246 52.26 12.41 16.71
CA MSE D 246 52.40 13.85 16.46
C MSE D 246 51.38 14.60 17.34
O MSE D 246 50.21 14.71 16.99
CB MSE D 246 52.17 14.14 14.97
CG MSE D 246 52.10 15.60 14.55
SE MSE D 246 53.81 16.36 14.04
CE MSE D 246 54.43 16.94 15.80
N PRO D 247 51.82 15.11 18.52
CA PRO D 247 50.90 15.88 19.34
C PRO D 247 50.38 17.11 18.59
N GLY D 248 49.07 17.33 18.67
CA GLY D 248 48.41 18.41 17.95
C GLY D 248 48.31 18.17 16.45
N TRP D 249 48.31 16.91 16.04
CA TRP D 249 48.28 16.53 14.62
C TRP D 249 47.05 17.06 13.88
N CYS D 250 45.91 17.09 14.58
CA CYS D 250 44.64 17.52 14.00
C CYS D 250 44.74 18.94 13.42
N GLN D 251 45.59 19.78 14.03
CA GLN D 251 45.78 21.15 13.57
C GLN D 251 46.51 21.26 12.23
N PHE D 252 47.24 20.21 11.84
CA PHE D 252 47.98 20.16 10.58
C PHE D 252 47.11 19.73 9.38
N LEU D 253 45.85 19.39 9.64
CA LEU D 253 44.92 18.99 8.59
C LEU D 253 43.66 19.82 8.65
N THR D 254 43.38 20.58 7.59
CA THR D 254 42.14 21.35 7.52
C THR D 254 40.92 20.43 7.56
N ALA D 255 41.08 19.22 7.03
CA ALA D 255 40.02 18.20 7.09
C ALA D 255 39.65 17.87 8.53
N CYS D 256 40.65 17.69 9.38
CA CYS D 256 40.43 17.38 10.80
C CYS D 256 39.81 18.57 11.54
N ARG D 257 40.37 19.77 11.31
CA ARG D 257 39.88 21.00 11.93
C ARG D 257 38.42 21.28 11.60
N SER D 258 37.99 20.87 10.41
CA SER D 258 36.67 21.19 9.89
C SER D 258 35.62 20.08 10.05
N GLY D 259 36.00 18.98 10.69
CA GLY D 259 35.09 17.86 10.89
C GLY D 259 34.89 16.98 9.67
N ARG D 260 35.95 16.83 8.87
CA ARG D 260 35.92 15.97 7.68
C ARG D 260 37.03 14.91 7.73
N TYR D 261 37.37 14.50 8.95
CA TYR D 261 38.25 13.37 9.22
C TYR D 261 37.35 12.19 9.57
N VAL D 262 37.48 11.12 8.77
CA VAL D 262 36.54 10.02 8.84
C VAL D 262 37.27 8.72 9.20
N LEU D 263 36.80 8.07 10.25
CA LEU D 263 37.38 6.81 10.70
C LEU D 263 36.56 5.62 10.21
N ILE D 264 37.23 4.73 9.49
CA ILE D 264 36.61 3.57 8.86
C ILE D 264 37.17 2.29 9.49
N SER D 265 36.33 1.29 9.72
CA SER D 265 36.80 0.01 10.25
C SER D 265 37.83 -0.64 9.33
N ARG D 266 39.02 -0.91 9.86
CA ARG D 266 40.08 -1.54 9.07
C ARG D 266 39.73 -2.98 8.74
N GLU D 267 38.99 -3.66 9.61
CA GLU D 267 38.63 -5.06 9.37
C GLU D 267 37.85 -5.19 8.06
N GLU D 268 37.09 -4.15 7.72
CA GLU D 268 36.35 -4.12 6.47
C GLU D 268 37.19 -3.57 5.34
N ALA D 269 37.89 -2.47 5.58
CA ALA D 269 38.64 -1.77 4.53
C ALA D 269 39.79 -2.60 3.93
N ILE D 270 40.44 -3.40 4.78
CA ILE D 270 41.69 -4.09 4.45
C ILE D 270 41.53 -5.33 3.53
N SER D 271 40.32 -5.89 3.50
CA SER D 271 40.06 -7.03 2.62
C SER D 271 39.77 -6.52 1.23
N ASN D 272 40.52 -7.01 0.26
CA ASN D 272 40.27 -6.70 -1.14
C ASN D 272 39.21 -7.62 -1.73
N SER D 273 37.98 -7.43 -1.24
CA SER D 273 36.86 -8.29 -1.62
C SER D 273 35.71 -7.43 -2.11
N PHE D 274 34.82 -8.03 -2.89
CA PHE D 274 33.63 -7.31 -3.33
C PHE D 274 32.70 -6.94 -2.17
N ALA D 275 32.66 -7.80 -1.14
CA ALA D 275 31.92 -7.47 0.09
C ALA D 275 32.41 -6.16 0.67
N SER D 276 33.74 -6.02 0.77
CA SER D 276 34.35 -4.80 1.30
CA SER D 276 34.35 -4.80 1.30
C SER D 276 34.07 -3.58 0.43
N LEU D 277 34.20 -3.71 -0.89
CA LEU D 277 33.91 -2.60 -1.79
C LEU D 277 32.51 -2.01 -1.55
N GLY D 278 31.53 -2.89 -1.34
CA GLY D 278 30.15 -2.46 -1.07
C GLY D 278 30.06 -1.65 0.21
N LEU D 279 30.74 -2.13 1.25
CA LEU D 279 30.76 -1.46 2.55
C LEU D 279 31.45 -0.09 2.45
N MSE D 280 32.53 -0.03 1.66
CA MSE D 280 33.25 1.23 1.47
C MSE D 280 32.39 2.24 0.73
O MSE D 280 32.29 3.40 1.13
CB MSE D 280 34.56 1.01 0.71
CG MSE D 280 35.60 0.18 1.45
SE MSE D 280 36.01 0.83 3.24
CE MSE D 280 35.03 -0.50 4.27
N ALA D 281 31.77 1.79 -0.36
CA ALA D 281 30.95 2.65 -1.19
C ALA D 281 29.81 3.30 -0.38
N ALA D 282 29.16 2.50 0.46
CA ALA D 282 28.03 2.97 1.26
C ALA D 282 28.47 4.03 2.28
N GLN D 283 29.61 3.79 2.91
CA GLN D 283 30.16 4.75 3.88
C GLN D 283 30.67 6.02 3.23
N ILE D 284 31.34 5.88 2.08
CA ILE D 284 31.79 7.08 1.34
C ILE D 284 30.57 7.96 1.00
N GLN D 285 29.51 7.35 0.50
CA GLN D 285 28.31 8.08 0.12
C GLN D 285 27.76 8.92 1.27
N SER D 286 27.50 8.29 2.42
CA SER D 286 26.86 9.01 3.52
C SER D 286 27.80 9.96 4.26
N GLN D 287 29.09 9.62 4.34
CA GLN D 287 30.05 10.50 4.99
C GLN D 287 30.29 11.78 4.19
N ILE D 288 30.37 11.65 2.87
CA ILE D 288 30.64 12.82 2.01
C ILE D 288 29.37 13.60 1.67
N ALA D 289 28.32 12.88 1.29
CA ALA D 289 27.08 13.50 0.79
C ALA D 289 25.93 13.52 1.79
N GLY D 290 26.04 12.74 2.86
CA GLY D 290 24.91 12.57 3.78
C GLY D 290 25.13 13.03 5.21
N ARG D 291 26.09 13.92 5.41
CA ARG D 291 26.41 14.39 6.75
C ARG D 291 26.60 15.91 6.76
N PRO D 292 25.49 16.67 6.70
CA PRO D 292 25.58 18.14 6.74
C PRO D 292 26.24 18.65 8.02
N LEU D 293 27.13 19.62 7.87
CA LEU D 293 27.84 20.18 9.00
C LEU D 293 27.37 21.62 9.25
N PRO D 294 26.98 21.94 10.49
CA PRO D 294 26.49 23.28 10.83
C PRO D 294 27.62 24.31 10.86
CL CL E . -59.81 22.80 -21.90
MG MG F . -44.03 -18.30 13.80
C1 GOL G . -29.05 7.66 3.96
O1 GOL G . -28.38 8.06 2.78
C2 GOL G . -29.98 8.73 4.51
O2 GOL G . -29.24 9.68 5.25
C3 GOL G . -30.69 9.42 3.36
O3 GOL G . -31.27 8.46 2.53
CL CL H . 10.35 5.50 -1.55
CL CL I . -10.65 -13.99 -8.73
C1 GOL J . 29.87 -3.84 10.11
O1 GOL J . 30.30 -2.61 9.60
C2 GOL J . 29.73 -3.78 11.61
O2 GOL J . 30.57 -4.80 12.08
C3 GOL J . 30.11 -2.44 12.22
O3 GOL J . 31.49 -2.19 12.12
CL CL K . 46.18 -4.25 11.01
CL CL L . 54.10 -24.90 -9.71
CL CL M . 62.97 -20.94 5.13
CL CL N . 62.07 -27.06 0.88
C1 GOL O . 26.97 2.86 -1.66
O1 GOL O . 26.00 1.88 -1.44
C2 GOL O . 26.95 3.31 -3.11
O2 GOL O . 26.00 2.54 -3.77
C3 GOL O . 26.55 4.77 -3.11
O3 GOL O . 25.42 4.96 -2.31
#